data_3AJJ
# 
_entry.id   3AJJ 
# 
_audit_conform.dict_name       mmcif_pdbx.dic 
_audit_conform.dict_version    5.380 
_audit_conform.dict_location   http://mmcif.pdb.org/dictionaries/ascii/mmcif_pdbx.dic 
# 
loop_
_database_2.database_id 
_database_2.database_code 
_database_2.pdbx_database_accession 
_database_2.pdbx_DOI 
PDB   3AJJ         pdb_00003ajj 10.2210/pdb3ajj/pdb 
NDB   NA0577       ?            ?                   
RCSB  RCSB029329   ?            ?                   
WWPDB D_1000029329 ?            ?                   
# 
loop_
_pdbx_database_related.db_name 
_pdbx_database_related.db_id 
_pdbx_database_related.details 
_pdbx_database_related.content_type 
PDB 3AJK 'The same DNA with Hoechst 33258' unspecified 
PDB 3AJL 'The same DNA with Hoechst DAPI'  unspecified 
# 
_pdbx_database_status.status_code                     REL 
_pdbx_database_status.entry_id                        3AJJ 
_pdbx_database_status.recvd_initial_deposition_date   2010-06-07 
_pdbx_database_status.deposit_site                    PDBJ 
_pdbx_database_status.process_site                    PDBJ 
_pdbx_database_status.status_code_sf                  REL 
_pdbx_database_status.status_code_mr                  ? 
_pdbx_database_status.SG_entry                        ? 
_pdbx_database_status.status_code_cs                  ? 
_pdbx_database_status.pdb_format_compatible           Y 
_pdbx_database_status.status_code_nmr_data            ? 
_pdbx_database_status.methods_development_category    ? 
# 
loop_
_audit_author.name 
_audit_author.pdbx_ordinal 
'Tsunoda, M.'  1 
'Sakaue, T.'   2 
'Ueno, Y.'     3 
'Matsuda, A.'  4 
'Takenaka, A.' 5 
# 
_citation.id                        primary 
_citation.title                     
'Insights into the structures of DNA damaged by hydroxyl radical: crystal structures of DNA duplexes containing 5-formyluracil' 
_citation.journal_abbrev            'J Nucleic Acids' 
_citation.journal_volume            2010 
_citation.page_first                107289 
_citation.page_last                 107289 
_citation.year                      2010 
_citation.journal_id_ASTM           ? 
_citation.country                   UK 
_citation.journal_id_ISSN           2090-0201 
_citation.journal_id_CSD            ? 
_citation.book_publisher            ? 
_citation.pdbx_database_id_PubMed   20976303 
_citation.pdbx_database_id_DOI      10.4061/2010/107289 
# 
loop_
_citation_author.citation_id 
_citation_author.name 
_citation_author.ordinal 
_citation_author.identifier_ORCID 
primary 'Tsunoda, M.'  1 ? 
primary 'Sakaue, T.'   2 ? 
primary 'Naito, S.'    3 ? 
primary 'Sunami, T.'   4 ? 
primary 'Abe, N.'      5 ? 
primary 'Ueno, Y.'     6 ? 
primary 'Matsuda, A.'  7 ? 
primary 'Takenaka, A.' 8 ? 
# 
_cell.entry_id           3AJJ 
_cell.length_a           24.585 
_cell.length_b           39.980 
_cell.length_c           68.465 
_cell.angle_alpha        90.00 
_cell.angle_beta         90.00 
_cell.angle_gamma        90.00 
_cell.Z_PDB              8 
_cell.pdbx_unique_axis   ? 
_cell.length_a_esd       ? 
_cell.length_b_esd       ? 
_cell.length_c_esd       ? 
_cell.angle_alpha_esd    ? 
_cell.angle_beta_esd     ? 
_cell.angle_gamma_esd    ? 
# 
_symmetry.entry_id                         3AJJ 
_symmetry.space_group_name_H-M             'P 21 21 21' 
_symmetry.pdbx_full_space_group_name_H-M   ? 
_symmetry.cell_setting                     ? 
_symmetry.Int_Tables_number                19 
_symmetry.space_group_name_Hall            ? 
# 
loop_
_entity.id 
_entity.type 
_entity.src_method 
_entity.pdbx_description 
_entity.formula_weight 
_entity.pdbx_number_of_molecules 
_entity.pdbx_ec 
_entity.pdbx_mutation 
_entity.pdbx_fragment 
_entity.details 
1 polymer syn "5'-D(*CP*GP*CP*GP*GP*AP*TP*(UFR)P*CP*GP*CP*G)-3'" 3693.375 2  ? ? ? ? 
2 water   nat water                                              18.015   27 ? ? ? ? 
# 
_entity_poly.entity_id                      1 
_entity_poly.type                           polydeoxyribonucleotide 
_entity_poly.nstd_linkage                   no 
_entity_poly.nstd_monomer                   yes 
_entity_poly.pdbx_seq_one_letter_code       '(DC)(DG)(DC)(DG)(DG)(DA)(DT)(UFR)(DC)(DG)(DC)(DG)' 
_entity_poly.pdbx_seq_one_letter_code_can   CGCGGATUCGCG 
_entity_poly.pdbx_strand_id                 A,B 
_entity_poly.pdbx_target_identifier         ? 
# 
loop_
_entity_poly_seq.entity_id 
_entity_poly_seq.num 
_entity_poly_seq.mon_id 
_entity_poly_seq.hetero 
1 1  DC  n 
1 2  DG  n 
1 3  DC  n 
1 4  DG  n 
1 5  DG  n 
1 6  DA  n 
1 7  DT  n 
1 8  UFR n 
1 9  DC  n 
1 10 DG  n 
1 11 DC  n 
1 12 DG  n 
# 
_pdbx_entity_src_syn.entity_id              1 
_pdbx_entity_src_syn.pdbx_src_id            1 
_pdbx_entity_src_syn.pdbx_alt_source_flag   sample 
_pdbx_entity_src_syn.pdbx_beg_seq_num       ? 
_pdbx_entity_src_syn.pdbx_end_seq_num       ? 
_pdbx_entity_src_syn.organism_scientific    ? 
_pdbx_entity_src_syn.organism_common_name   ? 
_pdbx_entity_src_syn.ncbi_taxonomy_id       ? 
_pdbx_entity_src_syn.details                'Synthetic DNA' 
# 
_struct_ref.id                         1 
_struct_ref.db_name                    PDB 
_struct_ref.db_code                    3AJJ 
_struct_ref.pdbx_db_accession          3AJJ 
_struct_ref.entity_id                  1 
_struct_ref.pdbx_align_begin           ? 
_struct_ref.pdbx_seq_one_letter_code   ? 
_struct_ref.pdbx_db_isoform            ? 
# 
loop_
_struct_ref_seq.align_id 
_struct_ref_seq.ref_id 
_struct_ref_seq.pdbx_PDB_id_code 
_struct_ref_seq.pdbx_strand_id 
_struct_ref_seq.seq_align_beg 
_struct_ref_seq.pdbx_seq_align_beg_ins_code 
_struct_ref_seq.seq_align_end 
_struct_ref_seq.pdbx_seq_align_end_ins_code 
_struct_ref_seq.pdbx_db_accession 
_struct_ref_seq.db_align_beg 
_struct_ref_seq.pdbx_db_align_beg_ins_code 
_struct_ref_seq.db_align_end 
_struct_ref_seq.pdbx_db_align_end_ins_code 
_struct_ref_seq.pdbx_auth_seq_align_beg 
_struct_ref_seq.pdbx_auth_seq_align_end 
1 1 3AJJ A 1 ? 12 ? 3AJJ 1  ? 12 ? 1  12 
2 1 3AJJ B 1 ? 12 ? 3AJJ 13 ? 24 ? 13 24 
# 
loop_
_chem_comp.id 
_chem_comp.type 
_chem_comp.mon_nstd_flag 
_chem_comp.name 
_chem_comp.pdbx_synonyms 
_chem_comp.formula 
_chem_comp.formula_weight 
DA  'DNA linking' y "2'-DEOXYADENOSINE-5'-MONOPHOSPHATE"                 ? 'C10 H14 N5 O6 P' 331.222 
DC  'DNA linking' y "2'-DEOXYCYTIDINE-5'-MONOPHOSPHATE"                  ? 'C9 H14 N3 O7 P'  307.197 
DG  'DNA linking' y "2'-DEOXYGUANOSINE-5'-MONOPHOSPHATE"                 ? 'C10 H14 N5 O7 P' 347.221 
DT  'DNA linking' y "THYMIDINE-5'-MONOPHOSPHATE"                         ? 'C10 H15 N2 O8 P' 322.208 
HOH non-polymer   . WATER                                                ? 'H2 O'            18.015  
UFR 'DNA linking' n 
;2'-DEOXY-5-FORMYLURIDINE 5'-(DIHYDROGEN PHOSPHATE)
;
? 'C10 H13 N2 O9 P' 336.192 
# 
_exptl.entry_id          3AJJ 
_exptl.method            'X-RAY DIFFRACTION' 
_exptl.crystals_number   1 
# 
_exptl_crystal.id                    1 
_exptl_crystal.density_meas          ? 
_exptl_crystal.density_Matthews      2.28 
_exptl_crystal.density_percent_sol   45.99 
_exptl_crystal.description           ? 
_exptl_crystal.F_000                 ? 
_exptl_crystal.preparation           ? 
# 
_exptl_crystal_grow.crystal_id      1 
_exptl_crystal_grow.method          'VAPOR DIFFUSION, HANGING DROP' 
_exptl_crystal_grow.temp            277 
_exptl_crystal_grow.temp_details    ? 
_exptl_crystal_grow.pH              8.1 
_exptl_crystal_grow.pdbx_details    '20mM PPA, 6mM spermine, 5% MPD, pH 8.1, VAPOR DIFFUSION, HANGING DROP, temperature 277K' 
_exptl_crystal_grow.pdbx_pH_range   ? 
# 
_diffrn.id                     1 
_diffrn.ambient_temp           100 
_diffrn.ambient_temp_details   ? 
_diffrn.crystal_id             1 
# 
_diffrn_detector.diffrn_id              1 
_diffrn_detector.detector               CCD 
_diffrn_detector.type                   'ADSC QUANTUM 4' 
_diffrn_detector.pdbx_collection_date   2001-06-02 
_diffrn_detector.details                ? 
# 
_diffrn_radiation.diffrn_id                        1 
_diffrn_radiation.wavelength_id                    1 
_diffrn_radiation.pdbx_monochromatic_or_laue_m_l   M 
_diffrn_radiation.monochromator                    ? 
_diffrn_radiation.pdbx_diffrn_protocol             'SINGLE WAVELENGTH' 
_diffrn_radiation.pdbx_scattering_type             x-ray 
# 
_diffrn_radiation_wavelength.id           1 
_diffrn_radiation_wavelength.wavelength   1.0 
_diffrn_radiation_wavelength.wt           1.0 
# 
_diffrn_source.diffrn_id                   1 
_diffrn_source.source                      SYNCHROTRON 
_diffrn_source.type                        'PHOTON FACTORY BEAMLINE BL-18B' 
_diffrn_source.pdbx_synchrotron_site       'Photon Factory' 
_diffrn_source.pdbx_synchrotron_beamline   BL-18B 
_diffrn_source.pdbx_wavelength             ? 
_diffrn_source.pdbx_wavelength_list        1.0 
# 
_reflns.entry_id                     3AJJ 
_reflns.observed_criterion_sigma_I   ? 
_reflns.observed_criterion_sigma_F   0 
_reflns.d_resolution_low             34.5 
_reflns.d_resolution_high            3.02 
_reflns.number_obs                   1485 
_reflns.number_all                   1531 
_reflns.percent_possible_obs         98.9 
_reflns.pdbx_Rmerge_I_obs            0.125 
_reflns.pdbx_Rsym_value              0.114 
_reflns.B_iso_Wilson_estimate        37.0 
_reflns.pdbx_redundancy              ? 
_reflns.pdbx_netI_over_sigmaI        ? 
_reflns.R_free_details               ? 
_reflns.limit_h_max                  ? 
_reflns.limit_h_min                  ? 
_reflns.limit_k_max                  ? 
_reflns.limit_k_min                  ? 
_reflns.limit_l_max                  ? 
_reflns.limit_l_min                  ? 
_reflns.observed_criterion_F_max     ? 
_reflns.observed_criterion_F_min     ? 
_reflns.pdbx_chi_squared             ? 
_reflns.pdbx_scaling_rejects         ? 
_reflns.pdbx_diffrn_id               1 
_reflns.pdbx_ordinal                 1 
# 
_reflns_shell.d_res_high             3.00 
_reflns_shell.d_res_low              3.16 
_reflns_shell.percent_possible_all   100.0 
_reflns_shell.Rmerge_I_obs           0.303 
_reflns_shell.pdbx_Rsym_value        0.277 
_reflns_shell.meanI_over_sigI_obs    ? 
_reflns_shell.pdbx_redundancy        ? 
_reflns_shell.percent_possible_obs   ? 
_reflns_shell.number_unique_all      213 
_reflns_shell.number_measured_all    ? 
_reflns_shell.number_measured_obs    ? 
_reflns_shell.number_unique_obs      ? 
_reflns_shell.pdbx_chi_squared       ? 
_reflns_shell.pdbx_diffrn_id         ? 
_reflns_shell.pdbx_ordinal           1 
# 
_refine.entry_id                                 3AJJ 
_refine.ls_number_reflns_obs                     1468 
_refine.ls_number_reflns_all                     ? 
_refine.pdbx_ls_sigma_I                          ? 
_refine.pdbx_ls_sigma_F                          0.0 
_refine.pdbx_data_cutoff_high_absF               783377.72 
_refine.pdbx_data_cutoff_low_absF                0.000000 
_refine.pdbx_data_cutoff_high_rms_absF           ? 
_refine.ls_d_res_low                             14.13 
_refine.ls_d_res_high                            3.02 
_refine.ls_percent_reflns_obs                    99.0 
_refine.ls_R_factor_obs                          0.190 
_refine.ls_R_factor_all                          ? 
_refine.ls_R_factor_R_work                       0.190 
_refine.ls_R_factor_R_free                       0.224 
_refine.ls_R_factor_R_free_error                 0.019 
_refine.ls_R_factor_R_free_error_details         ? 
_refine.ls_percent_reflns_R_free                 9.3 
_refine.ls_number_reflns_R_free                  136 
_refine.ls_number_parameters                     ? 
_refine.ls_number_restraints                     ? 
_refine.occupancy_min                            ? 
_refine.occupancy_max                            ? 
_refine.correlation_coeff_Fo_to_Fc               ? 
_refine.correlation_coeff_Fo_to_Fc_free          ? 
_refine.B_iso_mean                               40.4 
_refine.aniso_B[1][1]                            15.70 
_refine.aniso_B[2][2]                            13.48 
_refine.aniso_B[3][3]                            -29.18 
_refine.aniso_B[1][2]                            0.00 
_refine.aniso_B[1][3]                            0.00 
_refine.aniso_B[2][3]                            0.00 
_refine.solvent_model_details                    'FLAT MODEL' 
_refine.solvent_model_param_ksol                 0.25 
_refine.solvent_model_param_bsol                 -4.2811 
_refine.pdbx_solvent_vdw_probe_radii             ? 
_refine.pdbx_solvent_ion_probe_radii             ? 
_refine.pdbx_solvent_shrinkage_radii             ? 
_refine.pdbx_ls_cross_valid_method               THROUGHOUT 
_refine.details                                  'BULK SOLVENT MODEL USED' 
_refine.pdbx_starting_model                      'PDB ENTRY 355D' 
_refine.pdbx_method_to_determine_struct          'MOLECULAR REPLACEMENT' 
_refine.pdbx_isotropic_thermal_model             RESTRAINED 
_refine.pdbx_stereochemistry_target_values       ? 
_refine.pdbx_stereochem_target_val_spec_case     ? 
_refine.pdbx_R_Free_selection_details            RANDOM 
_refine.pdbx_overall_ESU_R_Free                  ? 
_refine.overall_SU_ML                            ? 
_refine.overall_SU_B                             ? 
_refine.overall_SU_R_Cruickshank_DPI             ? 
_refine.ls_redundancy_reflns_obs                 ? 
_refine.B_iso_min                                ? 
_refine.B_iso_max                                ? 
_refine.overall_SU_R_free                        ? 
_refine.ls_wR_factor_R_free                      ? 
_refine.ls_wR_factor_R_work                      ? 
_refine.overall_FOM_free_R_set                   ? 
_refine.overall_FOM_work_R_set                   ? 
_refine.pdbx_overall_phase_error                 ? 
_refine.pdbx_refine_id                           'X-RAY DIFFRACTION' 
_refine.pdbx_overall_ESU_R                       ? 
_refine.pdbx_diffrn_id                           1 
_refine.pdbx_TLS_residual_ADP_flag               ? 
_refine.pdbx_overall_SU_R_free_Cruickshank_DPI   ? 
_refine.pdbx_overall_SU_R_Blow_DPI               ? 
_refine.pdbx_overall_SU_R_free_Blow_DPI          ? 
# 
_refine_analyze.entry_id                        3AJJ 
_refine_analyze.Luzzati_coordinate_error_obs    0.35 
_refine_analyze.Luzzati_sigma_a_obs             0.52 
_refine_analyze.Luzzati_d_res_low_obs           5.00 
_refine_analyze.Luzzati_coordinate_error_free   0.33 
_refine_analyze.Luzzati_sigma_a_free            0.41 
_refine_analyze.Luzzati_d_res_low_free          ? 
_refine_analyze.number_disordered_residues      ? 
_refine_analyze.occupancy_sum_hydrogen          ? 
_refine_analyze.occupancy_sum_non_hydrogen      ? 
_refine_analyze.pdbx_Luzzati_d_res_high_obs     ? 
_refine_analyze.pdbx_refine_id                  'X-RAY DIFFRACTION' 
# 
_refine_hist.pdbx_refine_id                   'X-RAY DIFFRACTION' 
_refine_hist.cycle_id                         LAST 
_refine_hist.pdbx_number_atoms_protein        0 
_refine_hist.pdbx_number_atoms_nucleic_acid   490 
_refine_hist.pdbx_number_atoms_ligand         0 
_refine_hist.number_atoms_solvent             27 
_refine_hist.number_atoms_total               517 
_refine_hist.d_res_high                       3.02 
_refine_hist.d_res_low                        14.13 
# 
loop_
_refine_ls_restr.type 
_refine_ls_restr.dev_ideal 
_refine_ls_restr.dev_ideal_target 
_refine_ls_restr.weight 
_refine_ls_restr.number 
_refine_ls_restr.pdbx_refine_id 
_refine_ls_restr.pdbx_restraint_function 
c_bond_d                0.005 ? ? ? 'X-RAY DIFFRACTION' ? 
c_bond_d_na             ?     ? ? ? 'X-RAY DIFFRACTION' ? 
c_bond_d_prot           ?     ? ? ? 'X-RAY DIFFRACTION' ? 
c_angle_d               ?     ? ? ? 'X-RAY DIFFRACTION' ? 
c_angle_d_na            ?     ? ? ? 'X-RAY DIFFRACTION' ? 
c_angle_d_prot          ?     ? ? ? 'X-RAY DIFFRACTION' ? 
c_angle_deg             0.9   ? ? ? 'X-RAY DIFFRACTION' ? 
c_angle_deg_na          ?     ? ? ? 'X-RAY DIFFRACTION' ? 
c_angle_deg_prot        ?     ? ? ? 'X-RAY DIFFRACTION' ? 
c_dihedral_angle_d      16.4  ? ? ? 'X-RAY DIFFRACTION' ? 
c_dihedral_angle_d_na   ?     ? ? ? 'X-RAY DIFFRACTION' ? 
c_dihedral_angle_d_prot ?     ? ? ? 'X-RAY DIFFRACTION' ? 
c_improper_angle_d      1.11  ? ? ? 'X-RAY DIFFRACTION' ? 
c_improper_angle_d_na   ?     ? ? ? 'X-RAY DIFFRACTION' ? 
c_improper_angle_d_prot ?     ? ? ? 'X-RAY DIFFRACTION' ? 
c_mcbond_it             ?     ? ? ? 'X-RAY DIFFRACTION' ? 
c_mcangle_it            ?     ? ? ? 'X-RAY DIFFRACTION' ? 
c_scbond_it             ?     ? ? ? 'X-RAY DIFFRACTION' ? 
c_scangle_it            ?     ? ? ? 'X-RAY DIFFRACTION' ? 
# 
_refine_ls_shell.pdbx_total_number_of_bins_used   6 
_refine_ls_shell.d_res_high                       3.00 
_refine_ls_shell.d_res_low                        3.19 
_refine_ls_shell.number_reflns_R_work             193 
_refine_ls_shell.R_factor_R_work                  0.369 
_refine_ls_shell.percent_reflns_obs               89.2 
_refine_ls_shell.R_factor_R_free                  0.406 
_refine_ls_shell.R_factor_R_free_error            0.087 
_refine_ls_shell.percent_reflns_R_free            10.2 
_refine_ls_shell.number_reflns_R_free             22 
_refine_ls_shell.number_reflns_all                ? 
_refine_ls_shell.R_factor_all                     ? 
_refine_ls_shell.number_reflns_obs                ? 
_refine_ls_shell.redundancy_reflns_obs            ? 
_refine_ls_shell.pdbx_refine_id                   'X-RAY DIFFRACTION' 
# 
loop_
_pdbx_xplor_file.pdbx_refine_id 
_pdbx_xplor_file.serial_no 
_pdbx_xplor_file.param_file 
_pdbx_xplor_file.topol_file 
'X-RAY DIFFRACTION' 1 dna-rna_rep.param dna-rna.top 
'X-RAY DIFFRACTION' 2 water_rep.param   water.top   
'X-RAY DIFFRACTION' 3 formylu.param     formylu.top 
'X-RAY DIFFRACTION' 4 nobase.param      nobase.top  
'X-RAY DIFFRACTION' 5 noNH.param        noNH.top    
# 
_struct.entry_id                  3AJJ 
_struct.title                     'Crystal Structure of d(CGCGGATf5UCGCG): 5-Formyluridine/Guanosine Base-pair in B-DNA' 
_struct.pdbx_model_details        ? 
_struct.pdbx_CASP_flag            ? 
_struct.pdbx_model_type_details   ? 
# 
_struct_keywords.entry_id        3AJJ 
_struct_keywords.pdbx_keywords   DNA 
_struct_keywords.text            'MODIFIED NUCLEOTIDE, FORMYLURIDINE, DNA DAMAGE, B-DNA, DOUBLE HELIX, DEOXYRIBONUCLEIC ACID, DNA' 
# 
loop_
_struct_asym.id 
_struct_asym.pdbx_blank_PDB_chainid_flag 
_struct_asym.pdbx_modified 
_struct_asym.entity_id 
_struct_asym.details 
A N N 1 ? 
B N N 1 ? 
C N N 2 ? 
D N N 2 ? 
# 
_struct_biol.id        1 
_struct_biol.details   ? 
# 
loop_
_struct_conn.id 
_struct_conn.conn_type_id 
_struct_conn.pdbx_leaving_atom_flag 
_struct_conn.pdbx_PDB_id 
_struct_conn.ptnr1_label_asym_id 
_struct_conn.ptnr1_label_comp_id 
_struct_conn.ptnr1_label_seq_id 
_struct_conn.ptnr1_label_atom_id 
_struct_conn.pdbx_ptnr1_label_alt_id 
_struct_conn.pdbx_ptnr1_PDB_ins_code 
_struct_conn.pdbx_ptnr1_standard_comp_id 
_struct_conn.ptnr1_symmetry 
_struct_conn.ptnr2_label_asym_id 
_struct_conn.ptnr2_label_comp_id 
_struct_conn.ptnr2_label_seq_id 
_struct_conn.ptnr2_label_atom_id 
_struct_conn.pdbx_ptnr2_label_alt_id 
_struct_conn.pdbx_ptnr2_PDB_ins_code 
_struct_conn.ptnr1_auth_asym_id 
_struct_conn.ptnr1_auth_comp_id 
_struct_conn.ptnr1_auth_seq_id 
_struct_conn.ptnr2_auth_asym_id 
_struct_conn.ptnr2_auth_comp_id 
_struct_conn.ptnr2_auth_seq_id 
_struct_conn.ptnr2_symmetry 
_struct_conn.pdbx_ptnr3_label_atom_id 
_struct_conn.pdbx_ptnr3_label_seq_id 
_struct_conn.pdbx_ptnr3_label_comp_id 
_struct_conn.pdbx_ptnr3_label_asym_id 
_struct_conn.pdbx_ptnr3_label_alt_id 
_struct_conn.pdbx_ptnr3_PDB_ins_code 
_struct_conn.details 
_struct_conn.pdbx_dist_value 
_struct_conn.pdbx_value_order 
_struct_conn.pdbx_role 
covale1  covale both ? A DT  7  "O3'" ? ? ? 1_555 A UFR 8  P  ? ? A DT  7  A UFR 8  1_555 ? ? ? ? ? ? ?                1.603 ? ? 
covale2  covale both ? B DT  7  "O3'" ? ? ? 1_555 B UFR 8  P  ? ? B DT  19 B UFR 20 1_555 ? ? ? ? ? ? ?                1.607 ? ? 
hydrog1  hydrog ?    ? A DC  1  N3    ? ? ? 1_555 B DG  12 N1 ? ? A DC  1  B DG  24 1_555 ? ? ? ? ? ? WATSON-CRICK     ?     ? ? 
hydrog2  hydrog ?    ? A DC  1  N4    ? ? ? 1_555 B DG  12 O6 ? ? A DC  1  B DG  24 1_555 ? ? ? ? ? ? WATSON-CRICK     ?     ? ? 
hydrog3  hydrog ?    ? A DC  1  O2    ? ? ? 1_555 B DG  12 N2 ? ? A DC  1  B DG  24 1_555 ? ? ? ? ? ? WATSON-CRICK     ?     ? ? 
hydrog4  hydrog ?    ? A DG  2  N1    ? ? ? 1_555 B DC  11 N3 ? ? A DG  2  B DC  23 1_555 ? ? ? ? ? ? WATSON-CRICK     ?     ? ? 
hydrog5  hydrog ?    ? A DG  2  N2    ? ? ? 1_555 B DC  11 O2 ? ? A DG  2  B DC  23 1_555 ? ? ? ? ? ? WATSON-CRICK     ?     ? ? 
hydrog6  hydrog ?    ? A DG  2  O6    ? ? ? 1_555 B DC  11 N4 ? ? A DG  2  B DC  23 1_555 ? ? ? ? ? ? WATSON-CRICK     ?     ? ? 
hydrog7  hydrog ?    ? A DC  3  N3    ? ? ? 1_555 B DG  10 N1 ? ? A DC  3  B DG  22 1_555 ? ? ? ? ? ? WATSON-CRICK     ?     ? ? 
hydrog8  hydrog ?    ? A DC  3  N4    ? ? ? 1_555 B DG  10 O6 ? ? A DC  3  B DG  22 1_555 ? ? ? ? ? ? WATSON-CRICK     ?     ? ? 
hydrog9  hydrog ?    ? A DC  3  O2    ? ? ? 1_555 B DG  10 N2 ? ? A DC  3  B DG  22 1_555 ? ? ? ? ? ? WATSON-CRICK     ?     ? ? 
hydrog10 hydrog ?    ? A DG  4  N1    ? ? ? 1_555 B DC  9  N3 ? ? A DG  4  B DC  21 1_555 ? ? ? ? ? ? WATSON-CRICK     ?     ? ? 
hydrog11 hydrog ?    ? A DG  4  N2    ? ? ? 1_555 B DC  9  O2 ? ? A DG  4  B DC  21 1_555 ? ? ? ? ? ? WATSON-CRICK     ?     ? ? 
hydrog12 hydrog ?    ? A DG  4  O6    ? ? ? 1_555 B DC  9  N4 ? ? A DG  4  B DC  21 1_555 ? ? ? ? ? ? WATSON-CRICK     ?     ? ? 
hydrog13 hydrog ?    ? A DG  5  N1    ? ? ? 1_555 B UFR 8  O4 ? ? A DG  5  B UFR 20 1_555 ? ? ? ? ? ? 'DG-UFR MISPAIR' ?     ? ? 
hydrog14 hydrog ?    ? A DA  6  N1    ? ? ? 1_555 B DT  7  N3 ? ? A DA  6  B DT  19 1_555 ? ? ? ? ? ? WATSON-CRICK     ?     ? ? 
hydrog15 hydrog ?    ? A DA  6  N6    ? ? ? 1_555 B DT  7  O4 ? ? A DA  6  B DT  19 1_555 ? ? ? ? ? ? WATSON-CRICK     ?     ? ? 
hydrog16 hydrog ?    ? A DT  7  N3    ? ? ? 1_555 B DA  6  N1 ? ? A DT  7  B DA  18 1_555 ? ? ? ? ? ? WATSON-CRICK     ?     ? ? 
hydrog17 hydrog ?    ? A DT  7  O4    ? ? ? 1_555 B DA  6  N6 ? ? A DT  7  B DA  18 1_555 ? ? ? ? ? ? WATSON-CRICK     ?     ? ? 
hydrog18 hydrog ?    ? A UFR 8  O2    ? ? ? 1_555 B DG  5  N2 ? ? A UFR 8  B DG  17 1_555 ? ? ? ? ? ? 'UFR-DG MISPAIR' ?     ? ? 
hydrog19 hydrog ?    ? A DC  9  N3    ? ? ? 1_555 B DG  4  N1 ? ? A DC  9  B DG  16 1_555 ? ? ? ? ? ? WATSON-CRICK     ?     ? ? 
hydrog20 hydrog ?    ? A DC  9  N4    ? ? ? 1_555 B DG  4  O6 ? ? A DC  9  B DG  16 1_555 ? ? ? ? ? ? WATSON-CRICK     ?     ? ? 
hydrog21 hydrog ?    ? A DC  9  O2    ? ? ? 1_555 B DG  4  N2 ? ? A DC  9  B DG  16 1_555 ? ? ? ? ? ? WATSON-CRICK     ?     ? ? 
hydrog22 hydrog ?    ? A DG  10 N1    ? ? ? 1_555 B DC  3  N3 ? ? A DG  10 B DC  15 1_555 ? ? ? ? ? ? WATSON-CRICK     ?     ? ? 
hydrog23 hydrog ?    ? A DG  10 N2    ? ? ? 1_555 B DC  3  O2 ? ? A DG  10 B DC  15 1_555 ? ? ? ? ? ? WATSON-CRICK     ?     ? ? 
hydrog24 hydrog ?    ? A DG  10 O6    ? ? ? 1_555 B DC  3  N4 ? ? A DG  10 B DC  15 1_555 ? ? ? ? ? ? WATSON-CRICK     ?     ? ? 
hydrog25 hydrog ?    ? A DC  11 N3    ? ? ? 1_555 B DG  2  N1 ? ? A DC  11 B DG  14 1_555 ? ? ? ? ? ? WATSON-CRICK     ?     ? ? 
hydrog26 hydrog ?    ? A DC  11 N4    ? ? ? 1_555 B DG  2  O6 ? ? A DC  11 B DG  14 1_555 ? ? ? ? ? ? WATSON-CRICK     ?     ? ? 
hydrog27 hydrog ?    ? A DC  11 O2    ? ? ? 1_555 B DG  2  N2 ? ? A DC  11 B DG  14 1_555 ? ? ? ? ? ? WATSON-CRICK     ?     ? ? 
hydrog28 hydrog ?    ? A DG  12 N1    ? ? ? 1_555 B DC  1  N3 ? ? A DG  12 B DC  13 1_555 ? ? ? ? ? ? WATSON-CRICK     ?     ? ? 
hydrog29 hydrog ?    ? A DG  12 N2    ? ? ? 1_555 B DC  1  O2 ? ? A DG  12 B DC  13 1_555 ? ? ? ? ? ? WATSON-CRICK     ?     ? ? 
hydrog30 hydrog ?    ? A DG  12 O6    ? ? ? 1_555 B DC  1  N4 ? ? A DG  12 B DC  13 1_555 ? ? ? ? ? ? WATSON-CRICK     ?     ? ? 
# 
loop_
_struct_conn_type.id 
_struct_conn_type.criteria 
_struct_conn_type.reference 
covale ? ? 
hydrog ? ? 
# 
_atom_sites.entry_id                    3AJJ 
_atom_sites.fract_transf_matrix[1][1]   -0.03716144 
_atom_sites.fract_transf_matrix[1][2]   -0.00944683 
_atom_sites.fract_transf_matrix[1][3]   0.01357351 
_atom_sites.fract_transf_matrix[2][1]   0.00907210 
_atom_sites.fract_transf_matrix[2][2]   -0.02092252 
_atom_sites.fract_transf_matrix[2][3]   0.01027596 
_atom_sites.fract_transf_matrix[3][1]   0.00268341 
_atom_sites.fract_transf_matrix[3][2]   0.00724999 
_atom_sites.fract_transf_matrix[3][3]   0.01239242 
_atom_sites.fract_transf_vector[1]      0.363540 
_atom_sites.fract_transf_vector[2]      0.016534 
_atom_sites.fract_transf_vector[3]      0.367250 
# 
loop_
_atom_type.symbol 
C 
N 
O 
P 
# 
loop_
_atom_site.group_PDB 
_atom_site.id 
_atom_site.type_symbol 
_atom_site.label_atom_id 
_atom_site.label_alt_id 
_atom_site.label_comp_id 
_atom_site.label_asym_id 
_atom_site.label_entity_id 
_atom_site.label_seq_id 
_atom_site.pdbx_PDB_ins_code 
_atom_site.Cartn_x 
_atom_site.Cartn_y 
_atom_site.Cartn_z 
_atom_site.occupancy 
_atom_site.B_iso_or_equiv 
_atom_site.pdbx_formal_charge 
_atom_site.auth_seq_id 
_atom_site.auth_comp_id 
_atom_site.auth_asym_id 
_atom_site.auth_atom_id 
_atom_site.pdbx_PDB_model_num 
ATOM   1   O "O5'" . DC  A 1 1  ? 2.054   -19.123 -9.533  1.00 50.28 ? 1   DC  A "O5'" 1 
ATOM   2   C "C5'" . DC  A 1 1  ? 2.541   -18.049 -8.709  1.00 48.75 ? 1   DC  A "C5'" 1 
ATOM   3   C "C4'" . DC  A 1 1  ? 3.281   -16.976 -9.476  1.00 46.77 ? 1   DC  A "C4'" 1 
ATOM   4   O "O4'" . DC  A 1 1  ? 2.419   -16.438 -10.507 1.00 45.33 ? 1   DC  A "O4'" 1 
ATOM   5   C "C3'" . DC  A 1 1  ? 3.716   -15.783 -8.631  1.00 46.37 ? 1   DC  A "C3'" 1 
ATOM   6   O "O3'" . DC  A 1 1  ? 4.995   -15.310 -9.077  1.00 47.02 ? 1   DC  A "O3'" 1 
ATOM   7   C "C2'" . DC  A 1 1  ? 2.607   -14.770 -8.854  1.00 45.15 ? 1   DC  A "C2'" 1 
ATOM   8   C "C1'" . DC  A 1 1  ? 2.120   -15.072 -10.263 1.00 43.70 ? 1   DC  A "C1'" 1 
ATOM   9   N N1    . DC  A 1 1  ? 0.668   -14.918 -10.426 1.00 42.36 ? 1   DC  A N1    1 
ATOM   10  C C2    . DC  A 1 1  ? 0.171   -14.111 -11.455 1.00 41.69 ? 1   DC  A C2    1 
ATOM   11  O O2    . DC  A 1 1  ? 0.970   -13.508 -12.187 1.00 41.56 ? 1   DC  A O2    1 
ATOM   12  N N3    . DC  A 1 1  ? -1.169  -14.011 -11.623 1.00 41.13 ? 1   DC  A N3    1 
ATOM   13  C C4    . DC  A 1 1  ? -1.994  -14.672 -10.805 1.00 40.76 ? 1   DC  A C4    1 
ATOM   14  N N4    . DC  A 1 1  ? -3.306  -14.560 -11.007 1.00 39.45 ? 1   DC  A N4    1 
ATOM   15  C C5    . DC  A 1 1  ? -1.510  -15.481 -9.742  1.00 41.24 ? 1   DC  A C5    1 
ATOM   16  C C6    . DC  A 1 1  ? -0.189  -15.572 -9.589  1.00 41.88 ? 1   DC  A C6    1 
ATOM   17  P P     . DG  A 1 2  ? 5.529   -13.864 -8.612  1.00 46.48 ? 2   DG  A P     1 
ATOM   18  O OP1   . DG  A 1 2  ? 7.005   -13.956 -8.463  1.00 46.40 ? 2   DG  A OP1   1 
ATOM   19  O OP2   . DG  A 1 2  ? 4.701   -13.348 -7.478  1.00 44.62 ? 2   DG  A OP2   1 
ATOM   20  O "O5'" . DG  A 1 2  ? 5.271   -12.966 -9.899  1.00 45.45 ? 2   DG  A "O5'" 1 
ATOM   21  C "C5'" . DG  A 1 2  ? 5.901   -13.271 -11.147 1.00 41.64 ? 2   DG  A "C5'" 1 
ATOM   22  C "C4'" . DG  A 1 2  ? 5.954   -12.023 -11.992 1.00 39.53 ? 2   DG  A "C4'" 1 
ATOM   23  O "O4'" . DG  A 1 2  ? 4.593   -11.695 -12.378 1.00 38.53 ? 2   DG  A "O4'" 1 
ATOM   24  C "C3'" . DG  A 1 2  ? 6.475   -10.830 -11.191 1.00 37.95 ? 2   DG  A "C3'" 1 
ATOM   25  O "O3'" . DG  A 1 2  ? 7.327   -9.980  -11.958 1.00 37.41 ? 2   DG  A "O3'" 1 
ATOM   26  C "C2'" . DG  A 1 2  ? 5.219   -10.099 -10.755 1.00 37.53 ? 2   DG  A "C2'" 1 
ATOM   27  C "C1'" . DG  A 1 2  ? 4.180   -10.450 -11.815 1.00 35.56 ? 2   DG  A "C1'" 1 
ATOM   28  N N9    . DG  A 1 2  ? 2.857   -10.639 -11.220 1.00 31.95 ? 2   DG  A N9    1 
ATOM   29  C C8    . DG  A 1 2  ? 2.583   -11.394 -10.106 1.00 31.57 ? 2   DG  A C8    1 
ATOM   30  N N7    . DG  A 1 2  ? 1.332   -11.354 -9.748  1.00 30.07 ? 2   DG  A N7    1 
ATOM   31  C C5    . DG  A 1 2  ? 0.732   -10.533 -10.689 1.00 28.59 ? 2   DG  A C5    1 
ATOM   32  C C6    . DG  A 1 2  ? -0.609  -10.128 -10.804 1.00 28.79 ? 2   DG  A C6    1 
ATOM   33  O O6    . DG  A 1 2  ? -1.559  -10.420 -10.076 1.00 30.40 ? 2   DG  A O6    1 
ATOM   34  N N1    . DG  A 1 2  ? -0.802  -9.298  -11.899 1.00 28.54 ? 2   DG  A N1    1 
ATOM   35  C C2    . DG  A 1 2  ? 0.178   -8.910  -12.774 1.00 28.37 ? 2   DG  A C2    1 
ATOM   36  N N2    . DG  A 1 2  ? -0.227  -8.116  -13.770 1.00 27.91 ? 2   DG  A N2    1 
ATOM   37  N N3    . DG  A 1 2  ? 1.452   -9.281  -12.676 1.00 27.61 ? 2   DG  A N3    1 
ATOM   38  C C4    . DG  A 1 2  ? 1.655   -10.089 -11.614 1.00 28.69 ? 2   DG  A C4    1 
ATOM   39  P P     . DC  A 1 3  ? 7.921   -8.643  -11.285 1.00 38.41 ? 3   DC  A P     1 
ATOM   40  O OP1   . DC  A 1 3  ? 9.170   -8.297  -12.022 1.00 37.51 ? 3   DC  A OP1   1 
ATOM   41  O OP2   . DC  A 1 3  ? 7.967   -8.815  -9.810  1.00 34.82 ? 3   DC  A OP2   1 
ATOM   42  O "O5'" . DC  A 1 3  ? 6.801   -7.554  -11.606 1.00 36.32 ? 3   DC  A "O5'" 1 
ATOM   43  C "C5'" . DC  A 1 3  ? 6.295   -7.388  -12.932 1.00 35.63 ? 3   DC  A "C5'" 1 
ATOM   44  C "C4'" . DC  A 1 3  ? 5.396   -6.176  -12.991 1.00 34.53 ? 3   DC  A "C4'" 1 
ATOM   45  O "O4'" . DC  A 1 3  ? 4.077   -6.502  -12.484 1.00 34.05 ? 3   DC  A "O4'" 1 
ATOM   46  C "C3'" . DC  A 1 3  ? 5.920   -5.037  -12.124 1.00 34.78 ? 3   DC  A "C3'" 1 
ATOM   47  O "O3'" . DC  A 1 3  ? 5.750   -3.775  -12.739 1.00 34.87 ? 3   DC  A "O3'" 1 
ATOM   48  C "C2'" . DC  A 1 3  ? 5.069   -5.107  -10.874 1.00 35.05 ? 3   DC  A "C2'" 1 
ATOM   49  C "C1'" . DC  A 1 3  ? 3.751   -5.679  -11.371 1.00 32.48 ? 3   DC  A "C1'" 1 
ATOM   50  N N1    . DC  A 1 3  ? 3.104   -6.521  -10.344 1.00 28.96 ? 3   DC  A N1    1 
ATOM   51  C C2    . DC  A 1 3  ? 1.713   -6.558  -10.264 1.00 27.59 ? 3   DC  A C2    1 
ATOM   52  O O2    . DC  A 1 3  ? 1.044   -5.906  -11.085 1.00 26.60 ? 3   DC  A O2    1 
ATOM   53  N N3    . DC  A 1 3  ? 1.130   -7.297  -9.292  1.00 26.65 ? 3   DC  A N3    1 
ATOM   54  C C4    . DC  A 1 3  ? 1.883   -7.985  -8.435  1.00 25.67 ? 3   DC  A C4    1 
ATOM   55  N N4    . DC  A 1 3  ? 1.271   -8.702  -7.490  1.00 24.95 ? 3   DC  A N4    1 
ATOM   56  C C5    . DC  A 1 3  ? 3.299   -7.972  -8.505  1.00 26.38 ? 3   DC  A C5    1 
ATOM   57  C C6    . DC  A 1 3  ? 3.864   -7.241  -9.465  1.00 27.02 ? 3   DC  A C6    1 
ATOM   58  P P     . DG  A 1 4  ? 6.535   -2.503  -12.149 1.00 35.67 ? 4   DG  A P     1 
ATOM   59  O OP1   . DG  A 1 4  ? 7.571   -2.163  -13.151 1.00 37.39 ? 4   DG  A OP1   1 
ATOM   60  O OP2   . DG  A 1 4  ? 6.926   -2.742  -10.729 1.00 34.29 ? 4   DG  A OP2   1 
ATOM   61  O "O5'" . DG  A 1 4  ? 5.435   -1.362  -12.211 1.00 35.98 ? 4   DG  A "O5'" 1 
ATOM   62  C "C5'" . DG  A 1 4  ? 4.589   -1.272  -13.347 1.00 37.17 ? 4   DG  A "C5'" 1 
ATOM   63  C "C4'" . DG  A 1 4  ? 3.265   -0.659  -12.968 1.00 37.47 ? 4   DG  A "C4'" 1 
ATOM   64  O "O4'" . DG  A 1 4  ? 2.503   -1.546  -12.112 1.00 36.94 ? 4   DG  A "O4'" 1 
ATOM   65  C "C3'" . DG  A 1 4  ? 3.408   0.650   -12.205 1.00 38.14 ? 4   DG  A "C3'" 1 
ATOM   66  O "O3'" . DG  A 1 4  ? 2.445   1.570   -12.703 1.00 40.32 ? 4   DG  A "O3'" 1 
ATOM   67  C "C2'" . DG  A 1 4  ? 3.155   0.263   -10.756 1.00 35.75 ? 4   DG  A "C2'" 1 
ATOM   68  C "C1'" . DG  A 1 4  ? 2.188   -0.904  -10.880 1.00 34.45 ? 4   DG  A "C1'" 1 
ATOM   69  N N9    . DG  A 1 4  ? 2.311   -1.903  -9.821  1.00 30.94 ? 4   DG  A N9    1 
ATOM   70  C C8    . DG  A 1 4  ? 3.476   -2.394  -9.281  1.00 29.55 ? 4   DG  A C8    1 
ATOM   71  N N7    . DG  A 1 4  ? 3.274   -3.306  -8.371  1.00 27.28 ? 4   DG  A N7    1 
ATOM   72  C C5    . DG  A 1 4  ? 1.893   -3.423  -8.298  1.00 27.25 ? 4   DG  A C5    1 
ATOM   73  C C6    . DG  A 1 4  ? 1.089   -4.260  -7.490  1.00 26.57 ? 4   DG  A C6    1 
ATOM   74  O O6    . DG  A 1 4  ? 1.448   -5.094  -6.653  1.00 29.04 ? 4   DG  A O6    1 
ATOM   75  N N1    . DG  A 1 4  ? -0.266  -4.061  -7.731  1.00 26.53 ? 4   DG  A N1    1 
ATOM   76  C C2    . DG  A 1 4  ? -0.786  -3.169  -8.635  1.00 28.54 ? 4   DG  A C2    1 
ATOM   77  N N2    . DG  A 1 4  ? -2.133  -3.124  -8.715  1.00 28.70 ? 4   DG  A N2    1 
ATOM   78  N N3    . DG  A 1 4  ? -0.044  -2.377  -9.403  1.00 29.44 ? 4   DG  A N3    1 
ATOM   79  C C4    . DG  A 1 4  ? 1.281   -2.558  -9.181  1.00 28.95 ? 4   DG  A C4    1 
ATOM   80  P P     . DG  A 1 5  ? 2.456   3.076   -12.178 1.00 42.77 ? 5   DG  A P     1 
ATOM   81  O OP1   . DG  A 1 5  ? 1.969   3.907   -13.315 1.00 42.73 ? 5   DG  A OP1   1 
ATOM   82  O OP2   . DG  A 1 5  ? 3.791   3.349   -11.577 1.00 42.64 ? 5   DG  A OP2   1 
ATOM   83  O "O5'" . DG  A 1 5  ? 1.352   3.036   -11.032 1.00 41.74 ? 5   DG  A "O5'" 1 
ATOM   84  C "C5'" . DG  A 1 5  ? 0.073   2.468   -11.305 1.00 41.99 ? 5   DG  A "C5'" 1 
ATOM   85  C "C4'" . DG  A 1 5  ? -0.720  2.311   -10.032 1.00 42.27 ? 5   DG  A "C4'" 1 
ATOM   86  O "O4'" . DG  A 1 5  ? -0.207  1.221   -9.232  1.00 41.19 ? 5   DG  A "O4'" 1 
ATOM   87  C "C3'" . DG  A 1 5  ? -0.734  3.535   -9.114  1.00 43.29 ? 5   DG  A "C3'" 1 
ATOM   88  O "O3'" . DG  A 1 5  ? -2.024  3.622   -8.514  1.00 44.03 ? 5   DG  A "O3'" 1 
ATOM   89  C "C2'" . DG  A 1 5  ? 0.253   3.152   -8.029  1.00 42.57 ? 5   DG  A "C2'" 1 
ATOM   90  C "C1'" . DG  A 1 5  ? -0.065  1.679   -7.904  1.00 40.95 ? 5   DG  A "C1'" 1 
ATOM   91  N N9    . DG  A 1 5  ? 0.968   0.885   -7.265  1.00 40.74 ? 5   DG  A N9    1 
ATOM   92  C C8    . DG  A 1 5  ? 2.327   1.069   -7.344  1.00 41.02 ? 5   DG  A C8    1 
ATOM   93  N N7    . DG  A 1 5  ? 3.001   0.199   -6.643  1.00 41.97 ? 5   DG  A N7    1 
ATOM   94  C C5    . DG  A 1 5  ? 2.028   -0.611  -6.071  1.00 41.24 ? 5   DG  A C5    1 
ATOM   95  C C6    . DG  A 1 5  ? 2.158   -1.737  -5.207  1.00 41.41 ? 5   DG  A C6    1 
ATOM   96  O O6    . DG  A 1 5  ? 3.207   -2.261  -4.760  1.00 40.21 ? 5   DG  A O6    1 
ATOM   97  N N1    . DG  A 1 5  ? 0.907   -2.258  -4.867  1.00 40.59 ? 5   DG  A N1    1 
ATOM   98  C C2    . DG  A 1 5  ? -0.308  -1.762  -5.306  1.00 39.56 ? 5   DG  A C2    1 
ATOM   99  N N2    . DG  A 1 5  ? -1.406  -2.399  -4.862  1.00 38.09 ? 5   DG  A N2    1 
ATOM   100 N N3    . DG  A 1 5  ? -0.436  -0.720  -6.114  1.00 38.95 ? 5   DG  A N3    1 
ATOM   101 C C4    . DG  A 1 5  ? 0.765   -0.198  -6.452  1.00 40.63 ? 5   DG  A C4    1 
ATOM   102 P P     . DA  A 1 6  ? -2.654  5.053   -8.174  1.00 43.18 ? 6   DA  A P     1 
ATOM   103 O OP1   . DA  A 1 6  ? -3.073  5.638   -9.471  1.00 43.19 ? 6   DA  A OP1   1 
ATOM   104 O OP2   . DA  A 1 6  ? -1.738  5.811   -7.277  1.00 43.71 ? 6   DA  A OP2   1 
ATOM   105 O "O5'" . DA  A 1 6  ? -3.956  4.661   -7.358  1.00 41.61 ? 6   DA  A "O5'" 1 
ATOM   106 C "C5'" . DA  A 1 6  ? -4.759  3.571   -7.784  1.00 40.49 ? 6   DA  A "C5'" 1 
ATOM   107 C "C4'" . DA  A 1 6  ? -5.294  2.811   -6.594  1.00 40.46 ? 6   DA  A "C4'" 1 
ATOM   108 O "O4'" . DA  A 1 6  ? -4.285  1.940   -6.026  1.00 38.79 ? 6   DA  A "O4'" 1 
ATOM   109 C "C3'" . DA  A 1 6  ? -5.789  3.700   -5.456  1.00 41.08 ? 6   DA  A "C3'" 1 
ATOM   110 O "O3'" . DA  A 1 6  ? -7.060  3.239   -5.010  1.00 42.88 ? 6   DA  A "O3'" 1 
ATOM   111 C "C2'" . DA  A 1 6  ? -4.726  3.556   -4.378  1.00 38.11 ? 6   DA  A "C2'" 1 
ATOM   112 C "C1'" . DA  A 1 6  ? -4.161  2.169   -4.625  1.00 35.12 ? 6   DA  A "C1'" 1 
ATOM   113 N N9    . DA  A 1 6  ? -2.745  2.040   -4.284  1.00 30.87 ? 6   DA  A N9    1 
ATOM   114 C C8    . DA  A 1 6  ? -1.692  2.800   -4.745  1.00 29.12 ? 6   DA  A C8    1 
ATOM   115 N N7    . DA  A 1 6  ? -0.524  2.422   -4.287  1.00 26.16 ? 6   DA  A N7    1 
ATOM   116 C C5    . DA  A 1 6  ? -0.825  1.345   -3.463  1.00 26.50 ? 6   DA  A C5    1 
ATOM   117 C C6    . DA  A 1 6  ? -0.018  0.492   -2.694  1.00 25.51 ? 6   DA  A C6    1 
ATOM   118 N N6    . DA  A 1 6  ? 1.312   0.596   -2.627  1.00 25.44 ? 6   DA  A N6    1 
ATOM   119 N N1    . DA  A 1 6  ? -0.631  -0.486  -1.993  1.00 24.53 ? 6   DA  A N1    1 
ATOM   120 C C2    . DA  A 1 6  ? -1.966  -0.593  -2.075  1.00 26.23 ? 6   DA  A C2    1 
ATOM   121 N N3    . DA  A 1 6  ? -2.831  0.143   -2.766  1.00 26.07 ? 6   DA  A N3    1 
ATOM   122 C C4    . DA  A 1 6  ? -2.189  1.106   -3.446  1.00 27.98 ? 6   DA  A C4    1 
ATOM   123 P P     . DT  A 1 7  ? -7.805  4.013   -3.825  1.00 44.27 ? 7   DT  A P     1 
ATOM   124 O OP1   . DT  A 1 7  ? -9.261  3.811   -4.027  1.00 43.89 ? 7   DT  A OP1   1 
ATOM   125 O OP2   . DT  A 1 7  ? -7.252  5.395   -3.684  1.00 40.97 ? 7   DT  A OP2   1 
ATOM   126 O "O5'" . DT  A 1 7  ? -7.384  3.150   -2.566  1.00 42.96 ? 7   DT  A "O5'" 1 
ATOM   127 C "C5'" . DT  A 1 7  ? -7.536  1.743   -2.601  1.00 40.87 ? 7   DT  A "C5'" 1 
ATOM   128 C "C4'" . DT  A 1 7  ? -7.051  1.149   -1.307  1.00 40.51 ? 7   DT  A "C4'" 1 
ATOM   129 O "O4'" . DT  A 1 7  ? -5.604  1.159   -1.251  1.00 40.56 ? 7   DT  A "O4'" 1 
ATOM   130 C "C3'" . DT  A 1 7  ? -7.534  1.903   -0.071  1.00 39.86 ? 7   DT  A "C3'" 1 
ATOM   131 O "O3'" . DT  A 1 7  ? -7.976  0.944   0.879   1.00 42.21 ? 7   DT  A "O3'" 1 
ATOM   132 C "C2'" . DT  A 1 7  ? -6.287  2.632   0.412   1.00 39.00 ? 7   DT  A "C2'" 1 
ATOM   133 C "C1'" . DT  A 1 7  ? -5.188  1.669   0.004   1.00 37.39 ? 7   DT  A "C1'" 1 
ATOM   134 N N1    . DT  A 1 7  ? -3.827  2.242   -0.161  1.00 34.44 ? 7   DT  A N1    1 
ATOM   135 C C2    . DT  A 1 7  ? -2.743  1.547   0.351   1.00 32.41 ? 7   DT  A C2    1 
ATOM   136 O O2    . DT  A 1 7  ? -2.845  0.495   0.969   1.00 30.54 ? 7   DT  A O2    1 
ATOM   137 N N3    . DT  A 1 7  ? -1.523  2.138   0.112   1.00 31.56 ? 7   DT  A N3    1 
ATOM   138 C C4    . DT  A 1 7  ? -1.288  3.326   -0.562  1.00 31.01 ? 7   DT  A C4    1 
ATOM   139 O O4    . DT  A 1 7  ? -0.139  3.738   -0.709  1.00 28.51 ? 7   DT  A O4    1 
ATOM   140 C C5    . DT  A 1 7  ? -2.459  3.998   -1.049  1.00 31.76 ? 7   DT  A C5    1 
ATOM   141 C C7    . DT  A 1 7  ? -2.291  5.293   -1.777  1.00 34.57 ? 7   DT  A C7    1 
ATOM   142 C C6    . DT  A 1 7  ? -3.656  3.433   -0.828  1.00 32.90 ? 7   DT  A C6    1 
HETATM 143 P P     . UFR A 1 8  ? -8.686  1.421   2.235   1.00 43.29 ? 8   UFR A P     1 
HETATM 144 O O1P   . UFR A 1 8  ? -10.052 0.832   2.237   1.00 42.49 ? 8   UFR A O1P   1 
HETATM 145 O O2P   . UFR A 1 8  ? -8.507  2.889   2.418   1.00 42.81 ? 8   UFR A O2P   1 
HETATM 146 O "O5'" . UFR A 1 8  ? -7.823  0.669   3.335   1.00 42.36 ? 8   UFR A "O5'" 1 
HETATM 147 C "C5'" . UFR A 1 8  ? -7.333  -0.640  3.070   1.00 43.94 ? 8   UFR A "C5'" 1 
HETATM 148 C "C4'" . UFR A 1 8  ? -6.208  -0.976  4.018   1.00 44.93 ? 8   UFR A "C4'" 1 
HETATM 149 O "O4'" . UFR A 1 8  ? -4.970  -0.350  3.604   1.00 44.29 ? 8   UFR A "O4'" 1 
HETATM 150 C "C3'" . UFR A 1 8  ? -6.457  -0.535  5.460   1.00 44.74 ? 8   UFR A "C3'" 1 
HETATM 151 O "O3'" . UFR A 1 8  ? -6.115  -1.600  6.346   1.00 45.10 ? 8   UFR A "O3'" 1 
HETATM 152 C "C2'" . UFR A 1 8  ? -5.536  0.660   5.638   1.00 42.92 ? 8   UFR A "C2'" 1 
HETATM 153 C "C1'" . UFR A 1 8  ? -4.387  0.335   4.701   1.00 42.40 ? 8   UFR A "C1'" 1 
HETATM 154 N N1    . UFR A 1 8  ? -3.683  1.509   4.170   1.00 40.69 ? 8   UFR A N1    1 
HETATM 155 C C2    . UFR A 1 8  ? -2.310  1.439   4.056   1.00 39.77 ? 8   UFR A C2    1 
HETATM 156 O O2    . UFR A 1 8  ? -1.713  0.434   4.394   1.00 40.76 ? 8   UFR A O2    1 
HETATM 157 N N3    . UFR A 1 8  ? -1.641  2.514   3.558   1.00 38.85 ? 8   UFR A N3    1 
HETATM 158 C C4    . UFR A 1 8  ? -2.289  3.627   3.184   1.00 39.78 ? 8   UFR A C4    1 
HETATM 159 O O4    . UFR A 1 8  ? -1.591  4.548   2.752   1.00 39.80 ? 8   UFR A O4    1 
HETATM 160 C C5    . UFR A 1 8  ? -3.718  3.692   3.305   1.00 40.84 ? 8   UFR A C5    1 
HETATM 161 C C6    . UFR A 1 8  ? -4.351  2.633   3.792   1.00 41.00 ? 8   UFR A C6    1 
HETATM 162 C C7    . UFR A 1 8  ? -4.447  4.934   2.881   1.00 41.07 ? 8   UFR A C7    1 
HETATM 163 O O5    . UFR A 1 8  ? -3.859  5.913   2.427   1.00 40.61 ? 8   UFR A O5    1 
ATOM   164 P P     . DC  A 1 9  ? -6.187  -1.370  7.925   1.00 45.13 ? 9   DC  A P     1 
ATOM   165 O OP1   . DC  A 1 9  ? -6.481  -2.703  8.513   1.00 43.63 ? 9   DC  A OP1   1 
ATOM   166 O OP2   . DC  A 1 9  ? -7.080  -0.210  8.223   1.00 42.91 ? 9   DC  A OP2   1 
ATOM   167 O "O5'" . DC  A 1 9  ? -4.681  -0.979  8.263   1.00 45.06 ? 9   DC  A "O5'" 1 
ATOM   168 C "C5'" . DC  A 1 9  ? -3.602  -1.756  7.736   1.00 43.94 ? 9   DC  A "C5'" 1 
ATOM   169 C "C4'" . DC  A 1 9  ? -2.291  -1.321  8.346   1.00 42.91 ? 9   DC  A "C4'" 1 
ATOM   170 O "O4'" . DC  A 1 9  ? -1.730  -0.202  7.626   1.00 42.01 ? 9   DC  A "O4'" 1 
ATOM   171 C "C3'" . DC  A 1 9  ? -2.407  -0.879  9.802   1.00 43.33 ? 9   DC  A "C3'" 1 
ATOM   172 O "O3'" . DC  A 1 9  ? -1.304  -1.373  10.556  1.00 46.95 ? 9   DC  A "O3'" 1 
ATOM   173 C "C2'" . DC  A 1 9  ? -2.340  0.633   9.717   1.00 42.40 ? 9   DC  A "C2'" 1 
ATOM   174 C "C1'" . DC  A 1 9  ? -1.406  0.834   8.540   1.00 40.60 ? 9   DC  A "C1'" 1 
ATOM   175 N N1    . DC  A 1 9  ? -1.550  2.120   7.837   1.00 38.32 ? 9   DC  A N1    1 
ATOM   176 C C2    . DC  A 1 9  ? -0.393  2.813   7.449   1.00 36.90 ? 9   DC  A C2    1 
ATOM   177 O O2    . DC  A 1 9  ? 0.722   2.343   7.747   1.00 35.04 ? 9   DC  A O2    1 
ATOM   178 N N3    . DC  A 1 9  ? -0.521  3.971   6.762   1.00 36.57 ? 9   DC  A N3    1 
ATOM   179 C C4    . DC  A 1 9  ? -1.741  4.442   6.465   1.00 35.94 ? 9   DC  A C4    1 
ATOM   180 N N4    . DC  A 1 9  ? -1.822  5.574   5.761   1.00 35.31 ? 9   DC  A N4    1 
ATOM   181 C C5    . DC  A 1 9  ? -2.930  3.770   6.869   1.00 35.10 ? 9   DC  A C5    1 
ATOM   182 C C6    . DC  A 1 9  ? -2.790  2.626   7.547   1.00 36.82 ? 9   DC  A C6    1 
ATOM   183 P P     . DG  A 1 10 ? -1.511  -1.729  12.106  1.00 48.37 ? 10  DG  A P     1 
ATOM   184 O OP1   . DG  A 1 10 ? -1.151  -3.161  12.316  1.00 48.09 ? 10  DG  A OP1   1 
ATOM   185 O OP2   . DG  A 1 10 ? -2.861  -1.239  12.500  1.00 47.02 ? 10  DG  A OP2   1 
ATOM   186 O "O5'" . DG  A 1 10 ? -0.427  -0.830  12.841  1.00 48.78 ? 10  DG  A "O5'" 1 
ATOM   187 C "C5'" . DG  A 1 10 ? 0.930   -0.793  12.406  1.00 49.45 ? 10  DG  A "C5'" 1 
ATOM   188 C "C4'" . DG  A 1 10 ? 1.556   0.504   12.858  1.00 50.25 ? 10  DG  A "C4'" 1 
ATOM   189 O "O4'" . DG  A 1 10 ? 1.206   1.577   11.945  1.00 49.78 ? 10  DG  A "O4'" 1 
ATOM   190 C "C3'" . DG  A 1 10 ? 1.040   0.942   14.234  1.00 50.54 ? 10  DG  A "C3'" 1 
ATOM   191 O "O3'" . DG  A 1 10 ? 2.067   1.648   14.922  1.00 52.27 ? 10  DG  A "O3'" 1 
ATOM   192 C "C2'" . DG  A 1 10 ? -0.046  1.940   13.879  1.00 49.24 ? 10  DG  A "C2'" 1 
ATOM   193 C "C1'" . DG  A 1 10 ? 0.620   2.625   12.703  1.00 47.97 ? 10  DG  A "C1'" 1 
ATOM   194 N N9    . DG  A 1 10 ? -0.234  3.421   11.826  1.00 45.74 ? 10  DG  A N9    1 
ATOM   195 C C8    . DG  A 1 10 ? -1.597  3.339   11.664  1.00 44.95 ? 10  DG  A C8    1 
ATOM   196 N N7    . DG  A 1 10 ? -2.063  4.217   10.818  1.00 43.68 ? 10  DG  A N7    1 
ATOM   197 C C5    . DG  A 1 10 ? -0.939  4.916   10.395  1.00 43.36 ? 10  DG  A C5    1 
ATOM   198 C C6    . DG  A 1 10 ? -0.815  5.989   9.482   1.00 42.94 ? 10  DG  A C6    1 
ATOM   199 O O6    . DG  A 1 10 ? -1.700  6.565   8.849   1.00 43.17 ? 10  DG  A O6    1 
ATOM   200 N N1    . DG  A 1 10 ? 0.507   6.391   9.343   1.00 42.72 ? 10  DG  A N1    1 
ATOM   201 C C2    . DG  A 1 10 ? 1.570   5.841   10.007  1.00 43.26 ? 10  DG  A C2    1 
ATOM   202 N N2    . DG  A 1 10 ? 2.773   6.368   9.746   1.00 44.67 ? 10  DG  A N2    1 
ATOM   203 N N3    . DG  A 1 10 ? 1.467   4.846   10.865  1.00 43.06 ? 10  DG  A N3    1 
ATOM   204 C C4    . DG  A 1 10 ? 0.194   4.434   11.007  1.00 43.76 ? 10  DG  A C4    1 
ATOM   205 P P     . DC  A 1 11 ? 2.937   0.911   16.043  1.00 52.98 ? 11  DC  A P     1 
ATOM   206 O OP1   . DC  A 1 11 ? 3.256   -0.460  15.555  1.00 53.17 ? 11  DC  A OP1   1 
ATOM   207 O OP2   . DC  A 1 11 ? 2.274   1.097   17.365  1.00 51.39 ? 11  DC  A OP2   1 
ATOM   208 O "O5'" . DC  A 1 11 ? 4.292   1.744   16.013  1.00 52.26 ? 11  DC  A "O5'" 1 
ATOM   209 C "C5'" . DC  A 1 11 ? 5.118   1.758   14.843  1.00 50.40 ? 11  DC  A "C5'" 1 
ATOM   210 C "C4'" . DC  A 1 11 ? 5.699   3.137   14.628  1.00 50.23 ? 11  DC  A "C4'" 1 
ATOM   211 O "O4'" . DC  A 1 11 ? 4.804   3.995   13.875  1.00 50.11 ? 11  DC  A "O4'" 1 
ATOM   212 C "C3'" . DC  A 1 11 ? 6.024   3.896   15.914  1.00 50.27 ? 11  DC  A "C3'" 1 
ATOM   213 O "O3'" . DC  A 1 11 ? 7.279   4.553   15.778  1.00 50.55 ? 11  DC  A "O3'" 1 
ATOM   214 C "C2'" . DC  A 1 11 ? 4.911   4.926   16.014  1.00 48.97 ? 11  DC  A "C2'" 1 
ATOM   215 C "C1'" . DC  A 1 11 ? 4.650   5.240   14.555  1.00 49.12 ? 11  DC  A "C1'" 1 
ATOM   216 N N1    . DC  A 1 11 ? 3.300   5.748   14.261  1.00 48.60 ? 11  DC  A N1    1 
ATOM   217 C C2    . DC  A 1 11 ? 3.147   6.805   13.347  1.00 47.82 ? 11  DC  A C2    1 
ATOM   218 O O2    . DC  A 1 11 ? 4.155   7.325   12.853  1.00 46.41 ? 11  DC  A O2    1 
ATOM   219 N N3    . DC  A 1 11 ? 1.900   7.227   13.033  1.00 47.66 ? 11  DC  A N3    1 
ATOM   220 C C4    . DC  A 1 11 ? 0.837   6.648   13.598  1.00 47.54 ? 11  DC  A C4    1 
ATOM   221 N N4    . DC  A 1 11 ? -0.372  7.078   13.254  1.00 45.83 ? 11  DC  A N4    1 
ATOM   222 C C5    . DC  A 1 11 ? 0.966   5.596   14.548  1.00 48.76 ? 11  DC  A C5    1 
ATOM   223 C C6    . DC  A 1 11 ? 2.204   5.183   14.850  1.00 49.18 ? 11  DC  A C6    1 
ATOM   224 P P     . DG  A 1 12 ? 8.025   5.111   17.084  1.00 51.96 ? 12  DG  A P     1 
ATOM   225 O OP1   . DG  A 1 12 ? 9.482   4.954   16.823  1.00 52.14 ? 12  DG  A OP1   1 
ATOM   226 O OP2   . DG  A 1 12 ? 7.423   4.511   18.310  1.00 51.16 ? 12  DG  A OP2   1 
ATOM   227 O "O5'" . DG  A 1 12 ? 7.665   6.662   17.075  1.00 50.85 ? 12  DG  A "O5'" 1 
ATOM   228 C "C5'" . DG  A 1 12 ? 8.198   7.530   16.076  1.00 46.82 ? 12  DG  A "C5'" 1 
ATOM   229 C "C4'" . DG  A 1 12 ? 7.738   8.943   16.331  1.00 43.15 ? 12  DG  A "C4'" 1 
ATOM   230 O "O4'" . DG  A 1 12 ? 6.342   9.073   15.965  1.00 42.01 ? 12  DG  A "O4'" 1 
ATOM   231 C "C3'" . DG  A 1 12 ? 7.834   9.341   17.802  1.00 42.28 ? 12  DG  A "C3'" 1 
ATOM   232 O "O3'" . DG  A 1 12 ? 8.259   10.695  17.883  1.00 42.37 ? 12  DG  A "O3'" 1 
ATOM   233 C "C2'" . DG  A 1 12 ? 6.403   9.205   18.292  1.00 41.44 ? 12  DG  A "C2'" 1 
ATOM   234 C "C1'" . DG  A 1 12 ? 5.612   9.602   17.055  1.00 42.48 ? 12  DG  A "C1'" 1 
ATOM   235 N N9    . DG  A 1 12 ? 4.252   9.065   17.006  1.00 43.73 ? 12  DG  A N9    1 
ATOM   236 C C8    . DG  A 1 12 ? 3.773   8.016   17.750  1.00 45.25 ? 12  DG  A C8    1 
ATOM   237 N N7    . DG  A 1 12 ? 2.507   7.769   17.538  1.00 44.70 ? 12  DG  A N7    1 
ATOM   238 C C5    . DG  A 1 12 ? 2.123   8.704   16.590  1.00 42.49 ? 12  DG  A C5    1 
ATOM   239 C C6    . DG  A 1 12 ? 0.866   8.915   15.983  1.00 42.27 ? 12  DG  A C6    1 
ATOM   240 O O6    . DG  A 1 12 ? -0.193  8.298   16.172  1.00 43.06 ? 12  DG  A O6    1 
ATOM   241 N N1    . DG  A 1 12 ? 0.906   9.963   15.074  1.00 40.53 ? 12  DG  A N1    1 
ATOM   242 C C2    . DG  A 1 12 ? 2.010   10.711  14.787  1.00 40.15 ? 12  DG  A C2    1 
ATOM   243 N N2    . DG  A 1 12 ? 1.837   11.679  13.878  1.00 38.29 ? 12  DG  A N2    1 
ATOM   244 N N3    . DG  A 1 12 ? 3.197   10.525  15.348  1.00 41.70 ? 12  DG  A N3    1 
ATOM   245 C C4    . DG  A 1 12 ? 3.182   9.511   16.237  1.00 42.79 ? 12  DG  A C4    1 
ATOM   246 O "O5'" . DC  B 1 1  ? -6.421  13.753  11.930  1.00 58.60 ? 13  DC  B "O5'" 1 
ATOM   247 C "C5'" . DC  B 1 1  ? -6.181  15.117  12.296  1.00 57.05 ? 13  DC  B "C5'" 1 
ATOM   248 C "C4'" . DC  B 1 1  ? -4.734  15.450  12.023  1.00 55.69 ? 13  DC  B "C4'" 1 
ATOM   249 O "O4'" . DC  B 1 1  ? -3.880  14.681  12.906  1.00 56.24 ? 13  DC  B "O4'" 1 
ATOM   250 C "C3'" . DC  B 1 1  ? -4.294  15.092  10.610  1.00 54.57 ? 13  DC  B "C3'" 1 
ATOM   251 O "O3'" . DC  B 1 1  ? -3.314  16.027  10.178  1.00 54.77 ? 13  DC  B "O3'" 1 
ATOM   252 C "C2'" . DC  B 1 1  ? -3.682  13.714  10.773  1.00 54.38 ? 13  DC  B "C2'" 1 
ATOM   253 C "C1'" . DC  B 1 1  ? -3.049  13.804  12.152  1.00 54.97 ? 13  DC  B "C1'" 1 
ATOM   254 N N1    . DC  B 1 1  ? -2.987  12.523  12.873  1.00 53.67 ? 13  DC  B N1    1 
ATOM   255 C C2    . DC  B 1 1  ? -1.754  12.062  13.350  1.00 53.90 ? 13  DC  B C2    1 
ATOM   256 O O2    . DC  B 1 1  ? -0.737  12.724  13.129  1.00 54.35 ? 13  DC  B O2    1 
ATOM   257 N N3    . DC  B 1 1  ? -1.706  10.904  14.037  1.00 54.47 ? 13  DC  B N3    1 
ATOM   258 C C4    . DC  B 1 1  ? -2.825  10.212  14.250  1.00 55.19 ? 13  DC  B C4    1 
ATOM   259 N N4    . DC  B 1 1  ? -2.737  9.080   14.943  1.00 56.58 ? 13  DC  B N4    1 
ATOM   260 C C5    . DC  B 1 1  ? -4.086  10.650  13.762  1.00 55.29 ? 13  DC  B C5    1 
ATOM   261 C C6    . DC  B 1 1  ? -4.121  11.798  13.085  1.00 53.63 ? 13  DC  B C6    1 
ATOM   262 P P     . DG  B 1 2  ? -3.112  16.295  8.612   1.00 55.17 ? 14  DG  B P     1 
ATOM   263 O OP1   . DG  B 1 2  ? -3.318  17.759  8.398   1.00 53.20 ? 14  DG  B OP1   1 
ATOM   264 O OP2   . DG  B 1 2  ? -3.935  15.303  7.858   1.00 54.51 ? 14  DG  B OP2   1 
ATOM   265 O "O5'" . DG  B 1 2  ? -1.571  15.982  8.373   1.00 51.33 ? 14  DG  B "O5'" 1 
ATOM   266 C "C5'" . DG  B 1 2  ? -0.579  16.790  8.998   1.00 46.77 ? 14  DG  B "C5'" 1 
ATOM   267 C "C4'" . DG  B 1 2  ? 0.795   16.206  8.775   1.00 43.14 ? 14  DG  B "C4'" 1 
ATOM   268 O "O4'" . DG  B 1 2  ? 0.947   14.980  9.518   1.00 41.54 ? 14  DG  B "O4'" 1 
ATOM   269 C "C3'" . DG  B 1 2  ? 1.130   15.865  7.326   1.00 40.90 ? 14  DG  B "C3'" 1 
ATOM   270 O "O3'" . DG  B 1 2  ? 2.488   16.235  7.083   1.00 39.27 ? 14  DG  B "O3'" 1 
ATOM   271 C "C2'" . DG  B 1 2  ? 0.927   14.360  7.253   1.00 38.93 ? 14  DG  B "C2'" 1 
ATOM   272 C "C1'" . DG  B 1 2  ? 1.295   13.903  8.656   1.00 39.30 ? 14  DG  B "C1'" 1 
ATOM   273 N N9    . DG  B 1 2  ? 0.553   12.738  9.126   1.00 37.88 ? 14  DG  B N9    1 
ATOM   274 C C8    . DG  B 1 2  ? -0.802  12.541  9.023   1.00 37.65 ? 14  DG  B C8    1 
ATOM   275 N N7    . DG  B 1 2  ? -1.209  11.451  9.611   1.00 35.70 ? 14  DG  B N7    1 
ATOM   276 C C5    . DG  B 1 2  ? -0.053  10.883  10.119  1.00 34.21 ? 14  DG  B C5    1 
ATOM   277 C C6    . DG  B 1 2  ? 0.122   9.708   10.857  1.00 33.20 ? 14  DG  B C6    1 
ATOM   278 O O6    . DG  B 1 2  ? -0.738  8.912   11.230  1.00 35.11 ? 14  DG  B O6    1 
ATOM   279 N N1    . DG  B 1 2  ? 1.454   9.490   11.169  1.00 31.51 ? 14  DG  B N1    1 
ATOM   280 C C2    . DG  B 1 2  ? 2.487   10.309  10.814  1.00 31.83 ? 14  DG  B C2    1 
ATOM   281 N N2    . DG  B 1 2  ? 3.703   9.923   11.210  1.00 32.73 ? 14  DG  B N2    1 
ATOM   282 N N3    . DG  B 1 2  ? 2.340   11.423  10.124  1.00 33.88 ? 14  DG  B N3    1 
ATOM   283 C C4    . DG  B 1 2  ? 1.048   11.649  9.811   1.00 35.16 ? 14  DG  B C4    1 
ATOM   284 P P     . DC  B 1 3  ? 3.172   15.870  5.688   1.00 38.02 ? 15  DC  B P     1 
ATOM   285 O OP1   . DC  B 1 3  ? 4.378   16.732  5.549   1.00 35.54 ? 15  DC  B OP1   1 
ATOM   286 O OP2   . DC  B 1 3  ? 2.121   15.864  4.632   1.00 36.11 ? 15  DC  B OP2   1 
ATOM   287 O "O5'" . DC  B 1 3  ? 3.680   14.389  5.938   1.00 37.18 ? 15  DC  B "O5'" 1 
ATOM   288 C "C5'" . DC  B 1 3  ? 4.632   14.137  6.961   1.00 36.97 ? 15  DC  B "C5'" 1 
ATOM   289 C "C4'" . DC  B 1 3  ? 5.155   12.728  6.847   1.00 35.84 ? 15  DC  B "C4'" 1 
ATOM   290 O "O4'" . DC  B 1 3  ? 4.219   11.796  7.433   1.00 35.07 ? 15  DC  B "O4'" 1 
ATOM   291 C "C3'" . DC  B 1 3  ? 5.369   12.284  5.406   1.00 36.35 ? 15  DC  B "C3'" 1 
ATOM   292 O "O3'" . DC  B 1 3  ? 6.591   11.585  5.306   1.00 37.81 ? 15  DC  B "O3'" 1 
ATOM   293 C "C2'" . DC  B 1 3  ? 4.218   11.333  5.143   1.00 35.11 ? 15  DC  B "C2'" 1 
ATOM   294 C "C1'" . DC  B 1 3  ? 3.951   10.752  6.518   1.00 33.42 ? 15  DC  B "C1'" 1 
ATOM   295 N N1    . DC  B 1 3  ? 2.563   10.321  6.719   1.00 31.13 ? 15  DC  B N1    1 
ATOM   296 C C2    . DC  B 1 3  ? 2.321   9.201   7.497   1.00 30.04 ? 15  DC  B C2    1 
ATOM   297 O O2    . DC  B 1 3  ? 3.275   8.640   8.030   1.00 29.83 ? 15  DC  B O2    1 
ATOM   298 N N3    . DC  B 1 3  ? 1.052   8.764   7.655   1.00 30.46 ? 15  DC  B N3    1 
ATOM   299 C C4    . DC  B 1 3  ? 0.047   9.420   7.074   1.00 31.20 ? 15  DC  B C4    1 
ATOM   300 N N4    . DC  B 1 3  ? -1.193  8.960   7.251   1.00 32.49 ? 15  DC  B N4    1 
ATOM   301 C C5    . DC  B 1 3  ? 0.265   10.581  6.287   1.00 31.73 ? 15  DC  B C5    1 
ATOM   302 C C6    . DC  B 1 3  ? 1.528   10.994  6.138   1.00 32.14 ? 15  DC  B C6    1 
ATOM   303 P P     . DG  B 1 4  ? 7.338   11.505  3.895   1.00 38.87 ? 16  DG  B P     1 
ATOM   304 O OP1   . DG  B 1 4  ? 8.359   12.589  3.871   1.00 37.44 ? 16  DG  B OP1   1 
ATOM   305 O OP2   . DG  B 1 4  ? 6.322   11.404  2.807   1.00 35.88 ? 16  DG  B OP2   1 
ATOM   306 O "O5'" . DG  B 1 4  ? 8.118   10.132  4.025   1.00 39.83 ? 16  DG  B "O5'" 1 
ATOM   307 C "C5'" . DG  B 1 4  ? 8.704   9.778   5.268   1.00 41.04 ? 16  DG  B "C5'" 1 
ATOM   308 C "C4'" . DG  B 1 4  ? 8.603   8.289   5.485   1.00 41.04 ? 16  DG  B "C4'" 1 
ATOM   309 O "O4'" . DG  B 1 4  ? 7.242   7.903   5.800   1.00 40.47 ? 16  DG  B "O4'" 1 
ATOM   310 C "C3'" . DG  B 1 4  ? 9.011   7.479   4.262   1.00 40.99 ? 16  DG  B "C3'" 1 
ATOM   311 O "O3'" . DG  B 1 4  ? 9.852   6.411   4.677   1.00 43.29 ? 16  DG  B "O3'" 1 
ATOM   312 C "C2'" . DG  B 1 4  ? 7.692   6.981   3.692   1.00 39.61 ? 16  DG  B "C2'" 1 
ATOM   313 C "C1'" . DG  B 1 4  ? 6.808   6.867   4.928   1.00 38.64 ? 16  DG  B "C1'" 1 
ATOM   314 N N9    . DG  B 1 4  ? 5.381   7.064   4.673   1.00 35.46 ? 16  DG  B N9    1 
ATOM   315 C C8    . DG  B 1 4  ? 4.821   7.996   3.831   1.00 35.97 ? 16  DG  B C8    1 
ATOM   316 N N7    . DG  B 1 4  ? 3.514   7.951   3.805   1.00 35.47 ? 16  DG  B N7    1 
ATOM   317 C C5    . DG  B 1 4  ? 3.186   6.929   4.684   1.00 34.35 ? 16  DG  B C5    1 
ATOM   318 C C6    . DG  B 1 4  ? 1.910   6.422   5.065   1.00 33.83 ? 16  DG  B C6    1 
ATOM   319 O O6    . DG  B 1 4  ? 0.779   6.791   4.683   1.00 32.69 ? 16  DG  B O6    1 
ATOM   320 N N1    . DG  B 1 4  ? 2.031   5.379   5.983   1.00 32.33 ? 16  DG  B N1    1 
ATOM   321 C C2    . DG  B 1 4  ? 3.219   4.883   6.466   1.00 31.83 ? 16  DG  B C2    1 
ATOM   322 N N2    . DG  B 1 4  ? 3.119   3.869   7.337   1.00 32.00 ? 16  DG  B N2    1 
ATOM   323 N N3    . DG  B 1 4  ? 4.415   5.348   6.119   1.00 32.88 ? 16  DG  B N3    1 
ATOM   324 C C4    . DG  B 1 4  ? 4.324   6.364   5.230   1.00 34.28 ? 16  DG  B C4    1 
ATOM   325 P P     . DG  B 1 5  ? 10.541  5.485   3.576   1.00 45.00 ? 17  DG  B P     1 
ATOM   326 O OP1   . DG  B 1 5  ? 11.895  5.115   4.086   1.00 42.42 ? 17  DG  B OP1   1 
ATOM   327 O OP2   . DG  B 1 5  ? 10.390  6.158   2.251   1.00 41.72 ? 17  DG  B OP2   1 
ATOM   328 O "O5'" . DG  B 1 5  ? 9.615   4.197   3.573   1.00 43.99 ? 17  DG  B "O5'" 1 
ATOM   329 C "C5'" . DG  B 1 5  ? 9.133   3.649   4.793   1.00 44.14 ? 17  DG  B "C5'" 1 
ATOM   330 C "C4'" . DG  B 1 5  ? 8.023   2.666   4.509   1.00 45.47 ? 17  DG  B "C4'" 1 
ATOM   331 O "O4'" . DG  B 1 5  ? 6.781   3.360   4.223   1.00 45.31 ? 17  DG  B "O4'" 1 
ATOM   332 C "C3'" . DG  B 1 5  ? 8.283   1.744   3.309   1.00 45.20 ? 17  DG  B "C3'" 1 
ATOM   333 O "O3'" . DG  B 1 5  ? 7.802   0.428   3.610   1.00 44.54 ? 17  DG  B "O3'" 1 
ATOM   334 C "C2'" . DG  B 1 5  ? 7.401   2.341   2.225   1.00 44.10 ? 17  DG  B "C2'" 1 
ATOM   335 C "C1'" . DG  B 1 5  ? 6.211   2.774   3.063   1.00 43.74 ? 17  DG  B "C1'" 1 
ATOM   336 N N9    . DG  B 1 5  ? 5.280   3.727   2.468   1.00 40.81 ? 17  DG  B N9    1 
ATOM   337 C C8    . DG  B 1 5  ? 5.565   4.754   1.602   1.00 40.02 ? 17  DG  B C8    1 
ATOM   338 N N7    . DG  B 1 5  ? 4.510   5.438   1.252   1.00 39.81 ? 17  DG  B N7    1 
ATOM   339 C C5    . DG  B 1 5  ? 3.463   4.824   1.928   1.00 40.43 ? 17  DG  B C5    1 
ATOM   340 C C6    . DG  B 1 5  ? 2.068   5.134   1.948   1.00 41.31 ? 17  DG  B C6    1 
ATOM   341 O O6    . DG  B 1 5  ? 1.467   6.057   1.355   1.00 42.09 ? 17  DG  B O6    1 
ATOM   342 N N1    . DG  B 1 5  ? 1.362   4.247   2.767   1.00 41.45 ? 17  DG  B N1    1 
ATOM   343 C C2    . DG  B 1 5  ? 1.929   3.207   3.484   1.00 40.09 ? 17  DG  B C2    1 
ATOM   344 N N2    . DG  B 1 5  ? 1.089   2.463   4.222   1.00 38.81 ? 17  DG  B N2    1 
ATOM   345 N N3    . DG  B 1 5  ? 3.223   2.921   3.475   1.00 39.16 ? 17  DG  B N3    1 
ATOM   346 C C4    . DG  B 1 5  ? 3.923   3.763   2.680   1.00 39.64 ? 17  DG  B C4    1 
ATOM   347 P P     . DA  B 1 6  ? 8.829   -0.799  3.744   1.00 42.37 ? 18  DA  B P     1 
ATOM   348 O OP1   . DA  B 1 6  ? 9.880   -0.412  4.727   1.00 38.87 ? 18  DA  B OP1   1 
ATOM   349 O OP2   . DA  B 1 6  ? 9.221   -1.258  2.378   1.00 41.00 ? 18  DA  B OP2   1 
ATOM   350 O "O5'" . DA  B 1 6  ? 7.921   -1.923  4.407   1.00 39.74 ? 18  DA  B "O5'" 1 
ATOM   351 C "C5'" . DA  B 1 6  ? 7.276   -1.681  5.650   1.00 39.68 ? 18  DA  B "C5'" 1 
ATOM   352 C "C4'" . DA  B 1 6  ? 5.871   -2.235  5.631   1.00 39.69 ? 18  DA  B "C4'" 1 
ATOM   353 O "O4'" . DA  B 1 6  ? 4.947   -1.328  4.983   1.00 38.94 ? 18  DA  B "O4'" 1 
ATOM   354 C "C3'" . DA  B 1 6  ? 5.724   -3.578  4.921   1.00 40.59 ? 18  DA  B "C3'" 1 
ATOM   355 O "O3'" . DA  B 1 6  ? 4.876   -4.418  5.701   1.00 41.87 ? 18  DA  B "O3'" 1 
ATOM   356 C "C2'" . DA  B 1 6  ? 5.064   -3.214  3.601   1.00 39.28 ? 18  DA  B "C2'" 1 
ATOM   357 C "C1'" . DA  B 1 6  ? 4.212   -2.016  3.978   1.00 37.66 ? 18  DA  B "C1'" 1 
ATOM   358 N N9    . DA  B 1 6  ? 3.980   -1.079  2.877   1.00 35.64 ? 18  DA  B N9    1 
ATOM   359 C C8    . DA  B 1 6  ? 4.928   -0.534  2.047   1.00 34.27 ? 18  DA  B C8    1 
ATOM   360 N N7    . DA  B 1 6  ? 4.442   0.299   1.159   1.00 33.08 ? 18  DA  B N7    1 
ATOM   361 C C5    . DA  B 1 6  ? 3.079   0.301   1.417   1.00 33.07 ? 18  DA  B C5    1 
ATOM   362 C C6    . DA  B 1 6  ? 2.012   0.991   0.823   1.00 32.96 ? 18  DA  B C6    1 
ATOM   363 N N6    . DA  B 1 6  ? 2.166   1.847   -0.195  1.00 32.27 ? 18  DA  B N6    1 
ATOM   364 N N1    . DA  B 1 6  ? 0.769   0.776   1.314   1.00 32.45 ? 18  DA  B N1    1 
ATOM   365 C C2    . DA  B 1 6  ? 0.627   -0.077  2.335   1.00 32.12 ? 18  DA  B C2    1 
ATOM   366 N N3    . DA  B 1 6  ? 1.554   -0.785  2.981   1.00 32.99 ? 18  DA  B N3    1 
ATOM   367 C C4    . DA  B 1 6  ? 2.776   -0.548  2.468   1.00 33.84 ? 18  DA  B C4    1 
ATOM   368 P P     . DT  B 1 7  ? 4.571   -5.913  5.216   1.00 42.08 ? 19  DT  B P     1 
ATOM   369 O OP1   . DT  B 1 7  ? 4.540   -6.748  6.449   1.00 40.80 ? 19  DT  B OP1   1 
ATOM   370 O OP2   . DT  B 1 7  ? 5.484   -6.275  4.094   1.00 40.93 ? 19  DT  B OP2   1 
ATOM   371 O "O5'" . DT  B 1 7  ? 3.091   -5.789  4.651   1.00 41.29 ? 19  DT  B "O5'" 1 
ATOM   372 C "C5'" . DT  B 1 7  ? 2.075   -5.206  5.455   1.00 41.59 ? 19  DT  B "C5'" 1 
ATOM   373 C "C4'" . DT  B 1 7  ? 0.773   -5.153  4.697   1.00 41.68 ? 19  DT  B "C4'" 1 
ATOM   374 O "O4'" . DT  B 1 7  ? 0.815   -4.092  3.712   1.00 41.52 ? 19  DT  B "O4'" 1 
ATOM   375 C "C3'" . DT  B 1 7  ? 0.432   -6.434  3.940   1.00 41.89 ? 19  DT  B "C3'" 1 
ATOM   376 O "O3'" . DT  B 1 7  ? -0.949  -6.721  4.132   1.00 44.18 ? 19  DT  B "O3'" 1 
ATOM   377 C "C2'" . DT  B 1 7  ? 0.716   -6.078  2.490   1.00 41.28 ? 19  DT  B "C2'" 1 
ATOM   378 C "C1'" . DT  B 1 7  ? 0.386   -4.596  2.460   1.00 39.57 ? 19  DT  B "C1'" 1 
ATOM   379 N N1    . DT  B 1 7  ? 1.058   -3.814  1.397   1.00 37.04 ? 19  DT  B N1    1 
ATOM   380 C C2    . DT  B 1 7  ? 0.303   -2.896  0.683   1.00 35.85 ? 19  DT  B C2    1 
ATOM   381 O O2    . DT  B 1 7  ? -0.887  -2.703  0.884   1.00 35.67 ? 19  DT  B O2    1 
ATOM   382 N N3    . DT  B 1 7  ? 1.000   -2.210  -0.281  1.00 33.65 ? 19  DT  B N3    1 
ATOM   383 C C4    . DT  B 1 7  ? 2.337   -2.346  -0.596  1.00 33.27 ? 19  DT  B C4    1 
ATOM   384 O O4    . DT  B 1 7  ? 2.825   -1.660  -1.490  1.00 30.24 ? 19  DT  B O4    1 
ATOM   385 C C5    . DT  B 1 7  ? 3.064   -3.326  0.190   1.00 33.36 ? 19  DT  B C5    1 
ATOM   386 C C7    . DT  B 1 7  ? 4.518   -3.545  -0.085  1.00 33.64 ? 19  DT  B C7    1 
ATOM   387 C C6    . DT  B 1 7  ? 2.397   -3.998  1.134   1.00 33.79 ? 19  DT  B C6    1 
HETATM 388 P P     . UFR B 1 8  ? -1.545  -8.145  3.684   1.00 45.74 ? 20  UFR B P     1 
HETATM 389 O O1P   . UFR B 1 8  ? -2.112  -8.785  4.899   1.00 44.81 ? 20  UFR B O1P   1 
HETATM 390 O O2P   . UFR B 1 8  ? -0.569  -8.882  2.839   1.00 45.60 ? 20  UFR B O2P   1 
HETATM 391 O "O5'" . UFR B 1 8  ? -2.767  -7.717  2.777   1.00 45.20 ? 20  UFR B "O5'" 1 
HETATM 392 C "C5'" . UFR B 1 8  ? -3.515  -6.575  3.137   1.00 46.95 ? 20  UFR B "C5'" 1 
HETATM 393 C "C4'" . UFR B 1 8  ? -4.136  -5.957  1.914   1.00 47.62 ? 20  UFR B "C4'" 1 
HETATM 394 O "O4'" . UFR B 1 8  ? -3.143  -5.283  1.105   1.00 48.14 ? 20  UFR B "O4'" 1 
HETATM 395 C "C3'" . UFR B 1 8  ? -4.824  -6.964  0.996   1.00 47.39 ? 20  UFR B "C3'" 1 
HETATM 396 O "O3'" . UFR B 1 8  ? -6.109  -6.447  0.669   1.00 46.92 ? 20  UFR B "O3'" 1 
HETATM 397 C "C2'" . UFR B 1 8  ? -3.911  -7.027  -0.218  1.00 46.58 ? 20  UFR B "C2'" 1 
HETATM 398 C "C1'" . UFR B 1 8  ? -3.366  -5.617  -0.250  1.00 46.89 ? 20  UFR B "C1'" 1 
HETATM 399 N N1    . UFR B 1 8  ? -2.115  -5.404  -0.992  1.00 47.44 ? 20  UFR B N1    1 
HETATM 400 C C2    . UFR B 1 8  ? -2.096  -4.373  -1.917  1.00 46.66 ? 20  UFR B C2    1 
HETATM 401 O O2    . UFR B 1 8  ? -3.098  -3.697  -2.113  1.00 46.43 ? 20  UFR B O2    1 
HETATM 402 N N3    . UFR B 1 8  ? -0.941  -4.131  -2.605  1.00 46.05 ? 20  UFR B N3    1 
HETATM 403 C C4    . UFR B 1 8  ? 0.161   -4.873  -2.408  1.00 46.35 ? 20  UFR B C4    1 
HETATM 404 O O4    . UFR B 1 8  ? 1.152   -4.573  -3.085  1.00 44.30 ? 20  UFR B O4    1 
HETATM 405 C C5    . UFR B 1 8  ? 0.131   -5.951  -1.447  1.00 48.40 ? 20  UFR B C5    1 
HETATM 406 C C6    . UFR B 1 8  ? -1.002  -6.169  -0.784  1.00 48.37 ? 20  UFR B C6    1 
HETATM 407 C C7    . UFR B 1 8  ? 1.360   -6.785  -1.221  1.00 50.36 ? 20  UFR B C7    1 
HETATM 408 O O5    . UFR B 1 8  ? 2.409   -6.580  -1.838  1.00 52.66 ? 20  UFR B O5    1 
ATOM   409 P P     . DC  B 1 9  ? -7.113  -7.309  -0.224  1.00 46.69 ? 21  DC  B P     1 
ATOM   410 O OP1   . DC  B 1 9  ? -8.480  -7.074  0.320   1.00 46.17 ? 21  DC  B OP1   1 
ATOM   411 O OP2   . DC  B 1 9  ? -6.604  -8.699  -0.380  1.00 46.47 ? 21  DC  B OP2   1 
ATOM   412 O "O5'" . DC  B 1 9  ? -7.008  -6.571  -1.623  1.00 47.27 ? 21  DC  B "O5'" 1 
ATOM   413 C "C5'" . DC  B 1 9  ? -7.232  -5.169  -1.709  1.00 47.52 ? 21  DC  B "C5'" 1 
ATOM   414 C "C4'" . DC  B 1 9  ? -7.227  -4.744  -3.155  1.00 48.08 ? 21  DC  B "C4'" 1 
ATOM   415 O "O4'" . DC  B 1 9  ? -5.864  -4.568  -3.618  1.00 47.87 ? 21  DC  B "O4'" 1 
ATOM   416 C "C3'" . DC  B 1 9  ? -7.862  -5.799  -4.060  1.00 48.67 ? 21  DC  B "C3'" 1 
ATOM   417 O "O3'" . DC  B 1 9  ? -8.709  -5.174  -5.019  1.00 48.83 ? 21  DC  B "O3'" 1 
ATOM   418 C "C2'" . DC  B 1 9  ? -6.669  -6.470  -4.723  1.00 48.11 ? 21  DC  B "C2'" 1 
ATOM   419 C "C1'" . DC  B 1 9  ? -5.660  -5.332  -4.796  1.00 47.83 ? 21  DC  B "C1'" 1 
ATOM   420 N N1    . DC  B 1 9  ? -4.247  -5.746  -4.834  1.00 45.81 ? 21  DC  B N1    1 
ATOM   421 C C2    . DC  B 1 9  ? -3.391  -5.148  -5.776  1.00 45.62 ? 21  DC  B C2    1 
ATOM   422 O O2    . DC  B 1 9  ? -3.855  -4.287  -6.561  1.00 45.23 ? 21  DC  B O2    1 
ATOM   423 N N3    . DC  B 1 9  ? -2.086  -5.522  -5.808  1.00 43.99 ? 21  DC  B N3    1 
ATOM   424 C C4    . DC  B 1 9  ? -1.635  -6.448  -4.952  1.00 42.21 ? 21  DC  B C4    1 
ATOM   425 N N4    . DC  B 1 9  ? -0.345  -6.785  -5.007  1.00 41.51 ? 21  DC  B N4    1 
ATOM   426 C C5    . DC  B 1 9  ? -2.485  -7.070  -3.999  1.00 42.62 ? 21  DC  B C5    1 
ATOM   427 C C6    . DC  B 1 9  ? -3.770  -6.693  -3.972  1.00 44.40 ? 21  DC  B C6    1 
ATOM   428 P P     . DG  B 1 10 ? -9.940  -5.990  -5.638  1.00 49.39 ? 22  DG  B P     1 
ATOM   429 O OP1   . DG  B 1 10 ? -11.129 -5.116  -5.479  1.00 48.82 ? 22  DG  B OP1   1 
ATOM   430 O OP2   . DG  B 1 10 ? -9.961  -7.382  -5.106  1.00 48.19 ? 22  DG  B OP2   1 
ATOM   431 O "O5'" . DG  B 1 10 ? -9.573  -6.057  -7.181  1.00 50.86 ? 22  DG  B "O5'" 1 
ATOM   432 C "C5'" . DG  B 1 10 ? -9.175  -4.880  -7.882  1.00 52.26 ? 22  DG  B "C5'" 1 
ATOM   433 C "C4'" . DG  B 1 10 ? -8.392  -5.247  -9.121  1.00 53.52 ? 22  DG  B "C4'" 1 
ATOM   434 O "O4'" . DG  B 1 10 ? -7.027  -5.610  -8.802  1.00 52.35 ? 22  DG  B "O4'" 1 
ATOM   435 C "C3'" . DG  B 1 10 ? -8.968  -6.434  -9.899  1.00 55.47 ? 22  DG  B "C3'" 1 
ATOM   436 O "O3'" . DG  B 1 10 ? -8.772  -6.187  -11.283 1.00 59.47 ? 22  DG  B "O3'" 1 
ATOM   437 C "C2'" . DG  B 1 10 ? -8.062  -7.583  -9.493  1.00 52.68 ? 22  DG  B "C2'" 1 
ATOM   438 C "C1'" . DG  B 1 10 ? -6.740  -6.851  -9.432  1.00 50.21 ? 22  DG  B "C1'" 1 
ATOM   439 N N9    . DG  B 1 10 ? -5.668  -7.508  -8.700  1.00 46.04 ? 22  DG  B N9    1 
ATOM   440 C C8    . DG  B 1 10 ? -5.770  -8.391  -7.654  1.00 44.61 ? 22  DG  B C8    1 
ATOM   441 N N7    . DG  B 1 10 ? -4.611  -8.811  -7.225  1.00 42.80 ? 22  DG  B N7    1 
ATOM   442 C C5    . DG  B 1 10 ? -3.691  -8.162  -8.037  1.00 43.16 ? 22  DG  B C5    1 
ATOM   443 C C6    . DG  B 1 10 ? -2.277  -8.218  -8.050  1.00 42.62 ? 22  DG  B C6    1 
ATOM   444 O O6    . DG  B 1 10 ? -1.521  -8.881  -7.325  1.00 42.86 ? 22  DG  B O6    1 
ATOM   445 N N1    . DG  B 1 10 ? -1.745  -7.394  -9.038  1.00 42.16 ? 22  DG  B N1    1 
ATOM   446 C C2    . DG  B 1 10 ? -2.477  -6.623  -9.904  1.00 41.24 ? 22  DG  B C2    1 
ATOM   447 N N2    . DG  B 1 10 ? -1.781  -5.900  -10.786 1.00 40.31 ? 22  DG  B N2    1 
ATOM   448 N N3    . DG  B 1 10 ? -3.794  -6.567  -9.903  1.00 42.23 ? 22  DG  B N3    1 
ATOM   449 C C4    . DG  B 1 10 ? -4.332  -7.355  -8.949  1.00 43.84 ? 22  DG  B C4    1 
ATOM   450 P P     . DC  B 1 11 ? -9.942  -6.508  -12.328 1.00 63.16 ? 23  DC  B P     1 
ATOM   451 O OP1   . DC  B 1 11 ? -11.101 -5.633  -11.984 1.00 63.05 ? 23  DC  B OP1   1 
ATOM   452 O OP2   . DC  B 1 11 ? -10.127 -7.989  -12.419 1.00 61.14 ? 23  DC  B OP2   1 
ATOM   453 O "O5'" . DC  B 1 11 ? -9.307  -5.969  -13.685 1.00 63.42 ? 23  DC  B "O5'" 1 
ATOM   454 C "C5'" . DC  B 1 11 ? -8.627  -4.707  -13.716 1.00 60.96 ? 23  DC  B "C5'" 1 
ATOM   455 C "C4'" . DC  B 1 11 ? -7.358  -4.813  -14.532 1.00 59.96 ? 23  DC  B "C4'" 1 
ATOM   456 O "O4'" . DC  B 1 11 ? -6.288  -5.437  -13.776 1.00 59.39 ? 23  DC  B "O4'" 1 
ATOM   457 C "C3'" . DC  B 1 11 ? -7.509  -5.632  -15.811 1.00 59.36 ? 23  DC  B "C3'" 1 
ATOM   458 O "O3'" . DC  B 1 11 ? -6.848  -4.979  -16.883 1.00 59.43 ? 23  DC  B "O3'" 1 
ATOM   459 C "C2'" . DC  B 1 11 ? -6.816  -6.944  -15.488 1.00 58.07 ? 23  DC  B "C2'" 1 
ATOM   460 C "C1'" . DC  B 1 11 ? -5.730  -6.516  -14.518 1.00 57.19 ? 23  DC  B "C1'" 1 
ATOM   461 N N1    . DC  B 1 11 ? -5.337  -7.561  -13.560 1.00 55.13 ? 23  DC  B N1    1 
ATOM   462 C C2    . DC  B 1 11 ? -3.984  -7.849  -13.383 1.00 54.09 ? 23  DC  B C2    1 
ATOM   463 O O2    . DC  B 1 11 ? -3.151  -7.234  -14.060 1.00 54.29 ? 23  DC  B O2    1 
ATOM   464 N N3    . DC  B 1 11 ? -3.618  -8.792  -12.478 1.00 52.34 ? 23  DC  B N3    1 
ATOM   465 C C4    . DC  B 1 11 ? -4.553  -9.435  -11.772 1.00 51.90 ? 23  DC  B C4    1 
ATOM   466 N N4    . DC  B 1 11 ? -4.164  -10.345 -10.888 1.00 48.35 ? 23  DC  B N4    1 
ATOM   467 C C5    . DC  B 1 11 ? -5.938  -9.168  -11.943 1.00 53.64 ? 23  DC  B C5    1 
ATOM   468 C C6    . DC  B 1 11 ? -6.283  -8.235  -12.840 1.00 55.30 ? 23  DC  B C6    1 
ATOM   469 P P     . DG  B 1 12 ? -6.974  -5.574  -18.366 1.00 61.28 ? 24  DG  B P     1 
ATOM   470 O OP1   . DG  B 1 12 ? -6.687  -4.440  -19.293 1.00 62.08 ? 24  DG  B OP1   1 
ATOM   471 O OP2   . DG  B 1 12 ? -8.254  -6.327  -18.503 1.00 60.86 ? 24  DG  B OP2   1 
ATOM   472 O "O5'" . DG  B 1 12 ? -5.770  -6.618  -18.437 1.00 57.31 ? 24  DG  B "O5'" 1 
ATOM   473 C "C5'" . DG  B 1 12 ? -4.420  -6.167  -18.358 1.00 48.24 ? 24  DG  B "C5'" 1 
ATOM   474 C "C4'" . DG  B 1 12 ? -3.465  -7.302  -18.631 1.00 41.15 ? 24  DG  B "C4'" 1 
ATOM   475 O "O4'" . DG  B 1 12 ? -3.302  -8.118  -17.448 1.00 38.47 ? 24  DG  B "O4'" 1 
ATOM   476 C "C3'" . DG  B 1 12 ? -3.892  -8.249  -19.752 1.00 38.24 ? 24  DG  B "C3'" 1 
ATOM   477 O "O3'" . DG  B 1 12 ? -2.721  -8.700  -20.423 1.00 36.97 ? 24  DG  B "O3'" 1 
ATOM   478 C "C2'" . DG  B 1 12 ? -4.426  -9.448  -18.992 1.00 36.64 ? 24  DG  B "C2'" 1 
ATOM   479 C "C1'" . DG  B 1 12 ? -3.479  -9.473  -17.806 1.00 36.80 ? 24  DG  B "C1'" 1 
ATOM   480 N N9    . DG  B 1 12 ? -3.961  -10.205 -16.638 1.00 35.12 ? 24  DG  B N9    1 
ATOM   481 C C8    . DG  B 1 12 ? -5.270  -10.466 -16.320 1.00 35.31 ? 24  DG  B C8    1 
ATOM   482 N N7    . DG  B 1 12 ? -5.402  -11.213 -15.259 1.00 33.70 ? 24  DG  B N7    1 
ATOM   483 C C5    . DG  B 1 12 ? -4.103  -11.444 -14.836 1.00 32.72 ? 24  DG  B C5    1 
ATOM   484 C C6    . DG  B 1 12 ? -3.626  -12.197 -13.742 1.00 32.05 ? 24  DG  B C6    1 
ATOM   485 O O6    . DG  B 1 12 ? -4.280  -12.837 -12.907 1.00 31.77 ? 24  DG  B O6    1 
ATOM   486 N N1    . DG  B 1 12 ? -2.237  -12.169 -13.669 1.00 30.15 ? 24  DG  B N1    1 
ATOM   487 C C2    . DG  B 1 12 ? -1.414  -11.504 -14.544 1.00 28.75 ? 24  DG  B C2    1 
ATOM   488 N N2    . DG  B 1 12 ? -0.103  -11.610 -14.303 1.00 25.93 ? 24  DG  B N2    1 
ATOM   489 N N3    . DG  B 1 12 ? -1.848  -10.797 -15.576 1.00 30.05 ? 24  DG  B N3    1 
ATOM   490 C C4    . DG  B 1 12 ? -3.197  -10.813 -15.663 1.00 32.93 ? 24  DG  B C4    1 
HETATM 491 O O     . HOH C 2 .  ? 5.937   -1.926  -5.605  1.00 7.06  ? 105 HOH A O     1 
HETATM 492 O O     . HOH C 2 .  ? -0.278  -2.048  5.562   1.00 14.49 ? 108 HOH A O     1 
HETATM 493 O O     . HOH C 2 .  ? 5.446   5.192   19.783  1.00 27.07 ? 113 HOH A O     1 
HETATM 494 O O     . HOH C 2 .  ? 1.206   6.944   -16.301 1.00 10.84 ? 115 HOH A O     1 
HETATM 495 O O     . HOH C 2 .  ? -4.421  1.220   12.569  1.00 16.43 ? 116 HOH A O     1 
HETATM 496 O O     . HOH C 2 .  ? -1.318  -12.322 -7.434  1.00 1.71  ? 117 HOH A O     1 
HETATM 497 O O     . HOH C 2 .  ? 3.356   3.019   19.841  1.00 32.65 ? 121 HOH A O     1 
HETATM 498 O O     . HOH C 2 .  ? -4.030  8.540   1.098   1.00 1.71  ? 122 HOH A O     1 
HETATM 499 O O     . HOH C 2 .  ? -7.653  -6.161  10.684  1.00 21.37 ? 123 HOH A O     1 
HETATM 500 O O     . HOH C 2 .  ? -3.115  -5.898  11.591  1.00 36.91 ? 124 HOH A O     1 
HETATM 501 O O     . HOH C 2 .  ? -5.472  -1.229  -2.736  1.00 22.45 ? 125 HOH A O     1 
HETATM 502 O O     . HOH C 2 .  ? -3.296  -6.226  8.453   1.00 21.74 ? 126 HOH A O     1 
HETATM 503 O O     . HOH C 2 .  ? -1.883  6.708   1.100   1.00 23.54 ? 127 HOH A O     1 
HETATM 504 O O     . HOH D 2 .  ? -8.777  -11.330 -14.670 1.00 29.37 ? 101 HOH B O     1 
HETATM 505 O O     . HOH D 2 .  ? -3.385  -2.065  1.544   1.00 10.63 ? 102 HOH B O     1 
HETATM 506 O O     . HOH D 2 .  ? 9.215   15.366  5.635   1.00 16.34 ? 103 HOH B O     1 
HETATM 507 O O     . HOH D 2 .  ? 13.125  8.944   3.751   1.00 20.11 ? 104 HOH B O     1 
HETATM 508 O O     . HOH D 2 .  ? -4.936  -12.585 -6.590  1.00 23.12 ? 106 HOH B O     1 
HETATM 509 O O     . HOH D 2 .  ? -11.692 -7.259  -0.302  1.00 12.35 ? 107 HOH B O     1 
HETATM 510 O O     . HOH D 2 .  ? 8.523   -5.906  6.297   1.00 67.42 ? 109 HOH B O     1 
HETATM 511 O O     . HOH D 2 .  ? 7.548   17.271  3.656   1.00 10.06 ? 110 HOH B O     1 
HETATM 512 O O     . HOH D 2 .  ? -8.092  -8.770  -18.124 1.00 18.20 ? 111 HOH B O     1 
HETATM 513 O O     . HOH D 2 .  ? -3.991  10.517  18.409  1.00 26.43 ? 112 HOH B O     1 
HETATM 514 O O     . HOH D 2 .  ? -2.770  16.492  1.823   1.00 50.55 ? 114 HOH B O     1 
HETATM 515 O O     . HOH D 2 .  ? -3.170  -4.028  5.498   1.00 21.19 ? 118 HOH B O     1 
HETATM 516 O O     . HOH D 2 .  ? 5.525   -1.365  -2.508  1.00 7.62  ? 119 HOH B O     1 
HETATM 517 O O     . HOH D 2 .  ? -0.038  17.597  3.608   1.00 37.87 ? 120 HOH B O     1 
# 
loop_
_pdbx_poly_seq_scheme.asym_id 
_pdbx_poly_seq_scheme.entity_id 
_pdbx_poly_seq_scheme.seq_id 
_pdbx_poly_seq_scheme.mon_id 
_pdbx_poly_seq_scheme.ndb_seq_num 
_pdbx_poly_seq_scheme.pdb_seq_num 
_pdbx_poly_seq_scheme.auth_seq_num 
_pdbx_poly_seq_scheme.pdb_mon_id 
_pdbx_poly_seq_scheme.auth_mon_id 
_pdbx_poly_seq_scheme.pdb_strand_id 
_pdbx_poly_seq_scheme.pdb_ins_code 
_pdbx_poly_seq_scheme.hetero 
A 1 1  DC  1  1  1  DC  DC  A . n 
A 1 2  DG  2  2  2  DG  DG  A . n 
A 1 3  DC  3  3  3  DC  DC  A . n 
A 1 4  DG  4  4  4  DG  DG  A . n 
A 1 5  DG  5  5  5  DG  DG  A . n 
A 1 6  DA  6  6  6  DA  DA  A . n 
A 1 7  DT  7  7  7  DT  DT  A . n 
A 1 8  UFR 8  8  8  UFR UFR A . n 
A 1 9  DC  9  9  9  DC  DC  A . n 
A 1 10 DG  10 10 10 DG  DG  A . n 
A 1 11 DC  11 11 11 DC  DC  A . n 
A 1 12 DG  12 12 12 DG  DG  A . n 
B 1 1  DC  1  13 13 DC  DC  B . n 
B 1 2  DG  2  14 14 DG  DG  B . n 
B 1 3  DC  3  15 15 DC  DC  B . n 
B 1 4  DG  4  16 16 DG  DG  B . n 
B 1 5  DG  5  17 17 DG  DG  B . n 
B 1 6  DA  6  18 18 DA  DA  B . n 
B 1 7  DT  7  19 19 DT  DT  B . n 
B 1 8  UFR 8  20 20 UFR UFR B . n 
B 1 9  DC  9  21 21 DC  DC  B . n 
B 1 10 DG  10 22 22 DG  DG  B . n 
B 1 11 DC  11 23 23 DC  DC  B . n 
B 1 12 DG  12 24 24 DG  DG  B . n 
# 
loop_
_pdbx_nonpoly_scheme.asym_id 
_pdbx_nonpoly_scheme.entity_id 
_pdbx_nonpoly_scheme.mon_id 
_pdbx_nonpoly_scheme.ndb_seq_num 
_pdbx_nonpoly_scheme.pdb_seq_num 
_pdbx_nonpoly_scheme.auth_seq_num 
_pdbx_nonpoly_scheme.pdb_mon_id 
_pdbx_nonpoly_scheme.auth_mon_id 
_pdbx_nonpoly_scheme.pdb_strand_id 
_pdbx_nonpoly_scheme.pdb_ins_code 
C 2 HOH 1  105 105 HOH HOH A . 
C 2 HOH 2  108 108 HOH HOH A . 
C 2 HOH 3  113 113 HOH HOH A . 
C 2 HOH 4  115 115 HOH HOH A . 
C 2 HOH 5  116 116 HOH HOH A . 
C 2 HOH 6  117 117 HOH HOH A . 
C 2 HOH 7  121 121 HOH HOH A . 
C 2 HOH 8  122 122 HOH HOH A . 
C 2 HOH 9  123 123 HOH HOH A . 
C 2 HOH 10 124 124 HOH HOH A . 
C 2 HOH 11 125 125 HOH HOH A . 
C 2 HOH 12 126 126 HOH HOH A . 
C 2 HOH 13 127 127 HOH HOH A . 
D 2 HOH 1  101 101 HOH HOH B . 
D 2 HOH 2  102 102 HOH HOH B . 
D 2 HOH 3  103 103 HOH HOH B . 
D 2 HOH 4  104 104 HOH HOH B . 
D 2 HOH 5  106 106 HOH HOH B . 
D 2 HOH 6  107 107 HOH HOH B . 
D 2 HOH 7  109 109 HOH HOH B . 
D 2 HOH 8  110 110 HOH HOH B . 
D 2 HOH 9  111 111 HOH HOH B . 
D 2 HOH 10 112 112 HOH HOH B . 
D 2 HOH 11 114 114 HOH HOH B . 
D 2 HOH 12 118 118 HOH HOH B . 
D 2 HOH 13 119 119 HOH HOH B . 
D 2 HOH 14 120 120 HOH HOH B . 
# 
loop_
_pdbx_struct_mod_residue.id 
_pdbx_struct_mod_residue.label_asym_id 
_pdbx_struct_mod_residue.label_comp_id 
_pdbx_struct_mod_residue.label_seq_id 
_pdbx_struct_mod_residue.auth_asym_id 
_pdbx_struct_mod_residue.auth_comp_id 
_pdbx_struct_mod_residue.auth_seq_id 
_pdbx_struct_mod_residue.PDB_ins_code 
_pdbx_struct_mod_residue.parent_comp_id 
_pdbx_struct_mod_residue.details 
1 A UFR 8 A UFR 8  ? DU ? 
2 B UFR 8 B UFR 20 ? DU ? 
# 
_pdbx_struct_assembly.id                   1 
_pdbx_struct_assembly.details              author_and_software_defined_assembly 
_pdbx_struct_assembly.method_details       PISA 
_pdbx_struct_assembly.oligomeric_details   dimeric 
_pdbx_struct_assembly.oligomeric_count     2 
# 
_pdbx_struct_assembly_gen.assembly_id       1 
_pdbx_struct_assembly_gen.oper_expression   1 
_pdbx_struct_assembly_gen.asym_id_list      A,B,C,D 
# 
loop_
_pdbx_struct_assembly_prop.biol_id 
_pdbx_struct_assembly_prop.type 
_pdbx_struct_assembly_prop.value 
_pdbx_struct_assembly_prop.details 
1 'ABSA (A^2)' 2330 ? 
1 MORE         4    ? 
1 'SSA (A^2)'  4300 ? 
# 
_pdbx_struct_oper_list.id                   1 
_pdbx_struct_oper_list.type                 'identity operation' 
_pdbx_struct_oper_list.name                 1_555 
_pdbx_struct_oper_list.symmetry_operation   x,y,z 
_pdbx_struct_oper_list.matrix[1][1]         1.0000000000 
_pdbx_struct_oper_list.matrix[1][2]         0.0000000000 
_pdbx_struct_oper_list.matrix[1][3]         0.0000000000 
_pdbx_struct_oper_list.vector[1]            0.0000000000 
_pdbx_struct_oper_list.matrix[2][1]         0.0000000000 
_pdbx_struct_oper_list.matrix[2][2]         1.0000000000 
_pdbx_struct_oper_list.matrix[2][3]         0.0000000000 
_pdbx_struct_oper_list.vector[2]            0.0000000000 
_pdbx_struct_oper_list.matrix[3][1]         0.0000000000 
_pdbx_struct_oper_list.matrix[3][2]         0.0000000000 
_pdbx_struct_oper_list.matrix[3][3]         1.0000000000 
_pdbx_struct_oper_list.vector[3]            0.0000000000 
# 
loop_
_pdbx_audit_revision_history.ordinal 
_pdbx_audit_revision_history.data_content_type 
_pdbx_audit_revision_history.major_revision 
_pdbx_audit_revision_history.minor_revision 
_pdbx_audit_revision_history.revision_date 
1 'Structure model' 1 0 2011-04-27 
2 'Structure model' 1 1 2011-07-13 
3 'Structure model' 1 2 2023-11-01 
# 
_pdbx_audit_revision_details.ordinal             1 
_pdbx_audit_revision_details.revision_ordinal    1 
_pdbx_audit_revision_details.data_content_type   'Structure model' 
_pdbx_audit_revision_details.provider            repository 
_pdbx_audit_revision_details.type                'Initial release' 
_pdbx_audit_revision_details.description         ? 
_pdbx_audit_revision_details.details             ? 
# 
loop_
_pdbx_audit_revision_group.ordinal 
_pdbx_audit_revision_group.revision_ordinal 
_pdbx_audit_revision_group.data_content_type 
_pdbx_audit_revision_group.group 
1 2 'Structure model' 'Version format compliance' 
2 3 'Structure model' 'Data collection'           
3 3 'Structure model' 'Database references'       
4 3 'Structure model' 'Derived calculations'      
5 3 'Structure model' 'Refinement description'    
# 
loop_
_pdbx_audit_revision_category.ordinal 
_pdbx_audit_revision_category.revision_ordinal 
_pdbx_audit_revision_category.data_content_type 
_pdbx_audit_revision_category.category 
1 3 'Structure model' chem_comp_atom                
2 3 'Structure model' chem_comp_bond                
3 3 'Structure model' database_2                    
4 3 'Structure model' pdbx_initial_refinement_model 
5 3 'Structure model' struct_conn                   
# 
loop_
_pdbx_audit_revision_item.ordinal 
_pdbx_audit_revision_item.revision_ordinal 
_pdbx_audit_revision_item.data_content_type 
_pdbx_audit_revision_item.item 
1 3 'Structure model' '_database_2.pdbx_DOI'                
2 3 'Structure model' '_database_2.pdbx_database_accession' 
3 3 'Structure model' '_struct_conn.pdbx_leaving_atom_flag' 
# 
loop_
_software.name 
_software.classification 
_software.version 
_software.citation_id 
_software.pdbx_ordinal 
ADSC  'data collection' Quantum ? 1 
AMoRE phasing           .       ? 2 
CNS   refinement        1.2     ? 3 
DPS   'data reduction'  .       ? 4 
# 
loop_
_chem_comp_atom.comp_id 
_chem_comp_atom.atom_id 
_chem_comp_atom.type_symbol 
_chem_comp_atom.pdbx_aromatic_flag 
_chem_comp_atom.pdbx_stereo_config 
_chem_comp_atom.pdbx_ordinal 
DA  OP3    O N N 1   
DA  P      P N N 2   
DA  OP1    O N N 3   
DA  OP2    O N N 4   
DA  "O5'"  O N N 5   
DA  "C5'"  C N N 6   
DA  "C4'"  C N R 7   
DA  "O4'"  O N N 8   
DA  "C3'"  C N S 9   
DA  "O3'"  O N N 10  
DA  "C2'"  C N N 11  
DA  "C1'"  C N R 12  
DA  N9     N Y N 13  
DA  C8     C Y N 14  
DA  N7     N Y N 15  
DA  C5     C Y N 16  
DA  C6     C Y N 17  
DA  N6     N N N 18  
DA  N1     N Y N 19  
DA  C2     C Y N 20  
DA  N3     N Y N 21  
DA  C4     C Y N 22  
DA  HOP3   H N N 23  
DA  HOP2   H N N 24  
DA  "H5'"  H N N 25  
DA  "H5''" H N N 26  
DA  "H4'"  H N N 27  
DA  "H3'"  H N N 28  
DA  "HO3'" H N N 29  
DA  "H2'"  H N N 30  
DA  "H2''" H N N 31  
DA  "H1'"  H N N 32  
DA  H8     H N N 33  
DA  H61    H N N 34  
DA  H62    H N N 35  
DA  H2     H N N 36  
DC  OP3    O N N 37  
DC  P      P N N 38  
DC  OP1    O N N 39  
DC  OP2    O N N 40  
DC  "O5'"  O N N 41  
DC  "C5'"  C N N 42  
DC  "C4'"  C N R 43  
DC  "O4'"  O N N 44  
DC  "C3'"  C N S 45  
DC  "O3'"  O N N 46  
DC  "C2'"  C N N 47  
DC  "C1'"  C N R 48  
DC  N1     N N N 49  
DC  C2     C N N 50  
DC  O2     O N N 51  
DC  N3     N N N 52  
DC  C4     C N N 53  
DC  N4     N N N 54  
DC  C5     C N N 55  
DC  C6     C N N 56  
DC  HOP3   H N N 57  
DC  HOP2   H N N 58  
DC  "H5'"  H N N 59  
DC  "H5''" H N N 60  
DC  "H4'"  H N N 61  
DC  "H3'"  H N N 62  
DC  "HO3'" H N N 63  
DC  "H2'"  H N N 64  
DC  "H2''" H N N 65  
DC  "H1'"  H N N 66  
DC  H41    H N N 67  
DC  H42    H N N 68  
DC  H5     H N N 69  
DC  H6     H N N 70  
DG  OP3    O N N 71  
DG  P      P N N 72  
DG  OP1    O N N 73  
DG  OP2    O N N 74  
DG  "O5'"  O N N 75  
DG  "C5'"  C N N 76  
DG  "C4'"  C N R 77  
DG  "O4'"  O N N 78  
DG  "C3'"  C N S 79  
DG  "O3'"  O N N 80  
DG  "C2'"  C N N 81  
DG  "C1'"  C N R 82  
DG  N9     N Y N 83  
DG  C8     C Y N 84  
DG  N7     N Y N 85  
DG  C5     C Y N 86  
DG  C6     C N N 87  
DG  O6     O N N 88  
DG  N1     N N N 89  
DG  C2     C N N 90  
DG  N2     N N N 91  
DG  N3     N N N 92  
DG  C4     C Y N 93  
DG  HOP3   H N N 94  
DG  HOP2   H N N 95  
DG  "H5'"  H N N 96  
DG  "H5''" H N N 97  
DG  "H4'"  H N N 98  
DG  "H3'"  H N N 99  
DG  "HO3'" H N N 100 
DG  "H2'"  H N N 101 
DG  "H2''" H N N 102 
DG  "H1'"  H N N 103 
DG  H8     H N N 104 
DG  H1     H N N 105 
DG  H21    H N N 106 
DG  H22    H N N 107 
DT  OP3    O N N 108 
DT  P      P N N 109 
DT  OP1    O N N 110 
DT  OP2    O N N 111 
DT  "O5'"  O N N 112 
DT  "C5'"  C N N 113 
DT  "C4'"  C N R 114 
DT  "O4'"  O N N 115 
DT  "C3'"  C N S 116 
DT  "O3'"  O N N 117 
DT  "C2'"  C N N 118 
DT  "C1'"  C N R 119 
DT  N1     N N N 120 
DT  C2     C N N 121 
DT  O2     O N N 122 
DT  N3     N N N 123 
DT  C4     C N N 124 
DT  O4     O N N 125 
DT  C5     C N N 126 
DT  C7     C N N 127 
DT  C6     C N N 128 
DT  HOP3   H N N 129 
DT  HOP2   H N N 130 
DT  "H5'"  H N N 131 
DT  "H5''" H N N 132 
DT  "H4'"  H N N 133 
DT  "H3'"  H N N 134 
DT  "HO3'" H N N 135 
DT  "H2'"  H N N 136 
DT  "H2''" H N N 137 
DT  "H1'"  H N N 138 
DT  H3     H N N 139 
DT  H71    H N N 140 
DT  H72    H N N 141 
DT  H73    H N N 142 
DT  H6     H N N 143 
HOH O      O N N 144 
HOH H1     H N N 145 
HOH H2     H N N 146 
UFR O3P    O N N 147 
UFR P      P N N 148 
UFR O1P    O N N 149 
UFR O2P    O N N 150 
UFR "O5'"  O N N 151 
UFR "C5'"  C N N 152 
UFR "C4'"  C N R 153 
UFR "O4'"  O N N 154 
UFR "C3'"  C N S 155 
UFR "O3'"  O N N 156 
UFR "C2'"  C N N 157 
UFR "C1'"  C N R 158 
UFR N1     N N N 159 
UFR C2     C N N 160 
UFR O2     O N N 161 
UFR N3     N N N 162 
UFR C4     C N N 163 
UFR O4     O N N 164 
UFR C5     C N N 165 
UFR C6     C N N 166 
UFR C7     C N N 167 
UFR O5     O N N 168 
UFR HO1P   H N N 169 
UFR HO2P   H N N 170 
UFR "H5'1" H N N 171 
UFR "H5'2" H N N 172 
UFR "H4'"  H N N 173 
UFR "H3'"  H N N 174 
UFR "HO3'" H N N 175 
UFR "H2'1" H N N 176 
UFR "H2'2" H N N 177 
UFR "H1'"  H N N 178 
UFR HN3    H N N 179 
UFR H6     H N N 180 
UFR H7     H N N 181 
# 
loop_
_chem_comp_bond.comp_id 
_chem_comp_bond.atom_id_1 
_chem_comp_bond.atom_id_2 
_chem_comp_bond.value_order 
_chem_comp_bond.pdbx_aromatic_flag 
_chem_comp_bond.pdbx_stereo_config 
_chem_comp_bond.pdbx_ordinal 
DA  OP3   P      sing N N 1   
DA  OP3   HOP3   sing N N 2   
DA  P     OP1    doub N N 3   
DA  P     OP2    sing N N 4   
DA  P     "O5'"  sing N N 5   
DA  OP2   HOP2   sing N N 6   
DA  "O5'" "C5'"  sing N N 7   
DA  "C5'" "C4'"  sing N N 8   
DA  "C5'" "H5'"  sing N N 9   
DA  "C5'" "H5''" sing N N 10  
DA  "C4'" "O4'"  sing N N 11  
DA  "C4'" "C3'"  sing N N 12  
DA  "C4'" "H4'"  sing N N 13  
DA  "O4'" "C1'"  sing N N 14  
DA  "C3'" "O3'"  sing N N 15  
DA  "C3'" "C2'"  sing N N 16  
DA  "C3'" "H3'"  sing N N 17  
DA  "O3'" "HO3'" sing N N 18  
DA  "C2'" "C1'"  sing N N 19  
DA  "C2'" "H2'"  sing N N 20  
DA  "C2'" "H2''" sing N N 21  
DA  "C1'" N9     sing N N 22  
DA  "C1'" "H1'"  sing N N 23  
DA  N9    C8     sing Y N 24  
DA  N9    C4     sing Y N 25  
DA  C8    N7     doub Y N 26  
DA  C8    H8     sing N N 27  
DA  N7    C5     sing Y N 28  
DA  C5    C6     sing Y N 29  
DA  C5    C4     doub Y N 30  
DA  C6    N6     sing N N 31  
DA  C6    N1     doub Y N 32  
DA  N6    H61    sing N N 33  
DA  N6    H62    sing N N 34  
DA  N1    C2     sing Y N 35  
DA  C2    N3     doub Y N 36  
DA  C2    H2     sing N N 37  
DA  N3    C4     sing Y N 38  
DC  OP3   P      sing N N 39  
DC  OP3   HOP3   sing N N 40  
DC  P     OP1    doub N N 41  
DC  P     OP2    sing N N 42  
DC  P     "O5'"  sing N N 43  
DC  OP2   HOP2   sing N N 44  
DC  "O5'" "C5'"  sing N N 45  
DC  "C5'" "C4'"  sing N N 46  
DC  "C5'" "H5'"  sing N N 47  
DC  "C5'" "H5''" sing N N 48  
DC  "C4'" "O4'"  sing N N 49  
DC  "C4'" "C3'"  sing N N 50  
DC  "C4'" "H4'"  sing N N 51  
DC  "O4'" "C1'"  sing N N 52  
DC  "C3'" "O3'"  sing N N 53  
DC  "C3'" "C2'"  sing N N 54  
DC  "C3'" "H3'"  sing N N 55  
DC  "O3'" "HO3'" sing N N 56  
DC  "C2'" "C1'"  sing N N 57  
DC  "C2'" "H2'"  sing N N 58  
DC  "C2'" "H2''" sing N N 59  
DC  "C1'" N1     sing N N 60  
DC  "C1'" "H1'"  sing N N 61  
DC  N1    C2     sing N N 62  
DC  N1    C6     sing N N 63  
DC  C2    O2     doub N N 64  
DC  C2    N3     sing N N 65  
DC  N3    C4     doub N N 66  
DC  C4    N4     sing N N 67  
DC  C4    C5     sing N N 68  
DC  N4    H41    sing N N 69  
DC  N4    H42    sing N N 70  
DC  C5    C6     doub N N 71  
DC  C5    H5     sing N N 72  
DC  C6    H6     sing N N 73  
DG  OP3   P      sing N N 74  
DG  OP3   HOP3   sing N N 75  
DG  P     OP1    doub N N 76  
DG  P     OP2    sing N N 77  
DG  P     "O5'"  sing N N 78  
DG  OP2   HOP2   sing N N 79  
DG  "O5'" "C5'"  sing N N 80  
DG  "C5'" "C4'"  sing N N 81  
DG  "C5'" "H5'"  sing N N 82  
DG  "C5'" "H5''" sing N N 83  
DG  "C4'" "O4'"  sing N N 84  
DG  "C4'" "C3'"  sing N N 85  
DG  "C4'" "H4'"  sing N N 86  
DG  "O4'" "C1'"  sing N N 87  
DG  "C3'" "O3'"  sing N N 88  
DG  "C3'" "C2'"  sing N N 89  
DG  "C3'" "H3'"  sing N N 90  
DG  "O3'" "HO3'" sing N N 91  
DG  "C2'" "C1'"  sing N N 92  
DG  "C2'" "H2'"  sing N N 93  
DG  "C2'" "H2''" sing N N 94  
DG  "C1'" N9     sing N N 95  
DG  "C1'" "H1'"  sing N N 96  
DG  N9    C8     sing Y N 97  
DG  N9    C4     sing Y N 98  
DG  C8    N7     doub Y N 99  
DG  C8    H8     sing N N 100 
DG  N7    C5     sing Y N 101 
DG  C5    C6     sing N N 102 
DG  C5    C4     doub Y N 103 
DG  C6    O6     doub N N 104 
DG  C6    N1     sing N N 105 
DG  N1    C2     sing N N 106 
DG  N1    H1     sing N N 107 
DG  C2    N2     sing N N 108 
DG  C2    N3     doub N N 109 
DG  N2    H21    sing N N 110 
DG  N2    H22    sing N N 111 
DG  N3    C4     sing N N 112 
DT  OP3   P      sing N N 113 
DT  OP3   HOP3   sing N N 114 
DT  P     OP1    doub N N 115 
DT  P     OP2    sing N N 116 
DT  P     "O5'"  sing N N 117 
DT  OP2   HOP2   sing N N 118 
DT  "O5'" "C5'"  sing N N 119 
DT  "C5'" "C4'"  sing N N 120 
DT  "C5'" "H5'"  sing N N 121 
DT  "C5'" "H5''" sing N N 122 
DT  "C4'" "O4'"  sing N N 123 
DT  "C4'" "C3'"  sing N N 124 
DT  "C4'" "H4'"  sing N N 125 
DT  "O4'" "C1'"  sing N N 126 
DT  "C3'" "O3'"  sing N N 127 
DT  "C3'" "C2'"  sing N N 128 
DT  "C3'" "H3'"  sing N N 129 
DT  "O3'" "HO3'" sing N N 130 
DT  "C2'" "C1'"  sing N N 131 
DT  "C2'" "H2'"  sing N N 132 
DT  "C2'" "H2''" sing N N 133 
DT  "C1'" N1     sing N N 134 
DT  "C1'" "H1'"  sing N N 135 
DT  N1    C2     sing N N 136 
DT  N1    C6     sing N N 137 
DT  C2    O2     doub N N 138 
DT  C2    N3     sing N N 139 
DT  N3    C4     sing N N 140 
DT  N3    H3     sing N N 141 
DT  C4    O4     doub N N 142 
DT  C4    C5     sing N N 143 
DT  C5    C7     sing N N 144 
DT  C5    C6     doub N N 145 
DT  C7    H71    sing N N 146 
DT  C7    H72    sing N N 147 
DT  C7    H73    sing N N 148 
DT  C6    H6     sing N N 149 
HOH O     H1     sing N N 150 
HOH O     H2     sing N N 151 
UFR O3P   P      doub N N 152 
UFR P     O1P    sing N N 153 
UFR P     O2P    sing N N 154 
UFR P     "O5'"  sing N N 155 
UFR O1P   HO1P   sing N N 156 
UFR O2P   HO2P   sing N N 157 
UFR "O5'" "C5'"  sing N N 158 
UFR "C5'" "C4'"  sing N N 159 
UFR "C5'" "H5'1" sing N N 160 
UFR "C5'" "H5'2" sing N N 161 
UFR "C4'" "O4'"  sing N N 162 
UFR "C4'" "C3'"  sing N N 163 
UFR "C4'" "H4'"  sing N N 164 
UFR "O4'" "C1'"  sing N N 165 
UFR "C3'" "O3'"  sing N N 166 
UFR "C3'" "C2'"  sing N N 167 
UFR "C3'" "H3'"  sing N N 168 
UFR "O3'" "HO3'" sing N N 169 
UFR "C2'" "C1'"  sing N N 170 
UFR "C2'" "H2'1" sing N N 171 
UFR "C2'" "H2'2" sing N N 172 
UFR "C1'" N1     sing N N 173 
UFR "C1'" "H1'"  sing N N 174 
UFR N1    C2     sing N N 175 
UFR N1    C6     sing N N 176 
UFR C2    O2     doub N N 177 
UFR C2    N3     sing N N 178 
UFR N3    C4     sing N N 179 
UFR N3    HN3    sing N N 180 
UFR C4    O4     doub N N 181 
UFR C4    C5     sing N N 182 
UFR C5    C6     doub N N 183 
UFR C5    C7     sing N N 184 
UFR C6    H6     sing N N 185 
UFR C7    O5     doub N N 186 
UFR C7    H7     sing N N 187 
# 
loop_
_ndb_struct_conf_na.entry_id 
_ndb_struct_conf_na.feature 
3AJJ 'b-form double helix'  
3AJJ 'mismatched base pair' 
# 
loop_
_ndb_struct_na_base_pair.model_number 
_ndb_struct_na_base_pair.i_label_asym_id 
_ndb_struct_na_base_pair.i_label_comp_id 
_ndb_struct_na_base_pair.i_label_seq_id 
_ndb_struct_na_base_pair.i_symmetry 
_ndb_struct_na_base_pair.j_label_asym_id 
_ndb_struct_na_base_pair.j_label_comp_id 
_ndb_struct_na_base_pair.j_label_seq_id 
_ndb_struct_na_base_pair.j_symmetry 
_ndb_struct_na_base_pair.shear 
_ndb_struct_na_base_pair.stretch 
_ndb_struct_na_base_pair.stagger 
_ndb_struct_na_base_pair.buckle 
_ndb_struct_na_base_pair.propeller 
_ndb_struct_na_base_pair.opening 
_ndb_struct_na_base_pair.pair_number 
_ndb_struct_na_base_pair.pair_name 
_ndb_struct_na_base_pair.i_auth_asym_id 
_ndb_struct_na_base_pair.i_auth_seq_id 
_ndb_struct_na_base_pair.i_PDB_ins_code 
_ndb_struct_na_base_pair.j_auth_asym_id 
_ndb_struct_na_base_pair.j_auth_seq_id 
_ndb_struct_na_base_pair.j_PDB_ins_code 
_ndb_struct_na_base_pair.hbond_type_28 
_ndb_struct_na_base_pair.hbond_type_12 
1 A DC  1  1_555 B DG  12 1_555 0.138  -0.150 -0.257 -3.347 0.123   -5.874 1  A_DC1:DG24_B  A 1  ? B 24 ? 19 1 
1 A DG  2  1_555 B DC  11 1_555 -0.068 -0.199 0.373  -3.147 -12.159 -8.161 2  A_DG2:DC23_B  A 2  ? B 23 ? 19 1 
1 A DC  3  1_555 B DG  10 1_555 0.017  -0.150 0.018  0.207  -2.544  -2.154 3  A_DC3:DG22_B  A 3  ? B 22 ? 19 1 
1 A DG  4  1_555 B DC  9  1_555 -0.196 -0.018 0.155  11.953 -7.814  -2.403 4  A_DG4:DC21_B  A 4  ? B 21 ? 19 1 
1 A DG  5  1_555 B UFR 8  1_555 1.897  0.131  -0.060 6.777  -18.773 -1.848 5  A_DG5:UFR20_B A 5  ? B 20 ? ?  1 
1 A DA  6  1_555 B DT  7  1_555 -0.063 -0.078 -0.048 -0.560 -20.597 -3.052 6  A_DA6:DT19_B  A 6  ? B 19 ? 20 1 
1 A DT  7  1_555 B DA  6  1_555 0.036  -0.067 0.078  -0.471 -22.472 -2.763 7  A_DT7:DA18_B  A 7  ? B 18 ? 20 1 
1 A UFR 8  1_555 B DG  5  1_555 -1.995 0.150  -0.331 -4.160 -16.129 1.945  8  A_UFR8:DG17_B A 8  ? B 17 ? ?  1 
1 A DC  9  1_555 B DG  4  1_555 0.213  0.006  0.030  -5.624 -9.051  1.068  9  A_DC9:DG16_B  A 9  ? B 16 ? 19 1 
1 A DG  10 1_555 B DC  3  1_555 -0.073 -0.068 -0.039 5.025  3.748   -1.091 10 A_DG10:DC15_B A 10 ? B 15 ? 19 1 
1 A DC  11 1_555 B DG  2  1_555 0.060  -0.126 0.130  7.659  -12.174 -7.423 11 A_DC11:DG14_B A 11 ? B 14 ? 19 1 
1 A DG  12 1_555 B DC  1  1_555 -0.118 -0.065 -0.029 10.873 -5.414  -0.897 12 A_DG12:DC13_B A 12 ? B 13 ? 19 1 
# 
loop_
_ndb_struct_na_base_pair_step.model_number 
_ndb_struct_na_base_pair_step.i_label_asym_id_1 
_ndb_struct_na_base_pair_step.i_label_comp_id_1 
_ndb_struct_na_base_pair_step.i_label_seq_id_1 
_ndb_struct_na_base_pair_step.i_symmetry_1 
_ndb_struct_na_base_pair_step.j_label_asym_id_1 
_ndb_struct_na_base_pair_step.j_label_comp_id_1 
_ndb_struct_na_base_pair_step.j_label_seq_id_1 
_ndb_struct_na_base_pair_step.j_symmetry_1 
_ndb_struct_na_base_pair_step.i_label_asym_id_2 
_ndb_struct_na_base_pair_step.i_label_comp_id_2 
_ndb_struct_na_base_pair_step.i_label_seq_id_2 
_ndb_struct_na_base_pair_step.i_symmetry_2 
_ndb_struct_na_base_pair_step.j_label_asym_id_2 
_ndb_struct_na_base_pair_step.j_label_comp_id_2 
_ndb_struct_na_base_pair_step.j_label_seq_id_2 
_ndb_struct_na_base_pair_step.j_symmetry_2 
_ndb_struct_na_base_pair_step.shift 
_ndb_struct_na_base_pair_step.slide 
_ndb_struct_na_base_pair_step.rise 
_ndb_struct_na_base_pair_step.tilt 
_ndb_struct_na_base_pair_step.roll 
_ndb_struct_na_base_pair_step.twist 
_ndb_struct_na_base_pair_step.x_displacement 
_ndb_struct_na_base_pair_step.y_displacement 
_ndb_struct_na_base_pair_step.helical_rise 
_ndb_struct_na_base_pair_step.inclination 
_ndb_struct_na_base_pair_step.tip 
_ndb_struct_na_base_pair_step.helical_twist 
_ndb_struct_na_base_pair_step.step_number 
_ndb_struct_na_base_pair_step.step_name 
_ndb_struct_na_base_pair_step.i_auth_asym_id_1 
_ndb_struct_na_base_pair_step.i_auth_seq_id_1 
_ndb_struct_na_base_pair_step.i_PDB_ins_code_1 
_ndb_struct_na_base_pair_step.j_auth_asym_id_1 
_ndb_struct_na_base_pair_step.j_auth_seq_id_1 
_ndb_struct_na_base_pair_step.j_PDB_ins_code_1 
_ndb_struct_na_base_pair_step.i_auth_asym_id_2 
_ndb_struct_na_base_pair_step.i_auth_seq_id_2 
_ndb_struct_na_base_pair_step.i_PDB_ins_code_2 
_ndb_struct_na_base_pair_step.j_auth_asym_id_2 
_ndb_struct_na_base_pair_step.j_auth_seq_id_2 
_ndb_struct_na_base_pair_step.j_PDB_ins_code_2 
1 A DC  1  1_555 B DG  12 1_555 A DG  2  1_555 B DC  11 1_555 -1.206 -0.064 3.451 -9.197 -2.648 33.623 0.337  0.471  3.640 -4.466  
15.513  34.920 1  AA_DC1DG2:DC23DG24_BB   A 1  ? B 24 ? A 2  ? B 23 ? 
1 A DG  2  1_555 B DC  11 1_555 A DC  3  1_555 B DG  10 1_555 1.123  0.489  3.315 5.410  -0.752 37.250 0.859  -1.013 3.429 -1.170  
-8.414  37.634 2  AA_DG2DC3:DG22DC23_BB   A 2  ? B 23 ? A 3  ? B 22 ? 
1 A DC  3  1_555 B DG  10 1_555 A DG  4  1_555 B DC  9  1_555 -0.428 0.875  3.272 -1.632 6.003  30.020 0.436  0.478  3.397 11.434  
3.108   30.643 3  AA_DC3DG4:DC21DG22_BB   A 3  ? B 22 ? A 4  ? B 21 ? 
1 A DG  4  1_555 B DC  9  1_555 A DG  5  1_555 B UFR 8  1_555 0.463  -0.069 3.545 5.137  4.702  40.266 -0.663 -0.047 3.546 6.769   
-7.395  40.840 4  AA_DG4DG5:UFR20DC21_BB  A 4  ? B 21 ? A 5  ? B 20 ? 
1 A DG  5  1_555 B UFR 8  1_555 A DA  6  1_555 B DT  7  1_555 -0.679 0.037  3.248 -3.663 -3.281 32.567 0.627  0.570  3.283 -5.809  
6.486   32.926 5  AA_DG5DA6:DT19UFR20_BB  A 5  ? B 20 ? A 6  ? B 19 ? 
1 A DA  6  1_555 B DT  7  1_555 A DT  7  1_555 B DA  6  1_555 0.082  -0.366 3.173 0.403  -3.616 36.026 -0.092 -0.077 3.194 -5.829  
-0.649  36.203 6  AA_DA6DT7:DA18DT19_BB   A 6  ? B 19 ? A 7  ? B 18 ? 
1 A DT  7  1_555 B DA  6  1_555 A UFR 8  1_555 B DG  5  1_555 0.798  0.382  3.139 7.477  -8.449 35.601 1.686  -0.284 3.073 -13.409 
-11.866 37.291 7  AA_DT7UFR8:DG17DA18_BB  A 7  ? B 18 ? A 8  ? B 17 ? 
1 A UFR 8  1_555 B DG  5  1_555 A DC  9  1_555 B DG  4  1_555 -0.316 -0.055 3.463 -5.043 8.593  36.175 -1.285 -0.212 3.376 13.526  
7.938   37.478 8  AA_UFR8DC9:DG16DG17_BB  A 8  ? B 17 ? A 9  ? B 16 ? 
1 A DC  9  1_555 B DG  4  1_555 A DG  10 1_555 B DC  3  1_555 0.342  0.923  3.279 -0.825 5.565  29.889 0.615  -0.823 3.381 10.670  
1.581   30.402 9  AA_DC9DG10:DC15DG16_BB  A 9  ? B 16 ? A 10 ? B 15 ? 
1 A DG  10 1_555 B DC  3  1_555 A DC  11 1_555 B DG  2  1_555 -1.234 0.255  3.257 -1.844 -4.039 36.178 0.968  1.718  3.268 -6.474  
2.955   36.441 10 AA_DG10DC11:DG14DC15_BB A 10 ? B 15 ? A 11 ? B 14 ? 
1 A DC  11 1_555 B DG  2  1_555 A DG  12 1_555 B DC  1  1_555 1.287  0.737  3.398 4.967  7.902  35.927 0.005  -1.299 3.614 12.552  
-7.889  37.081 11 AA_DC11DG12:DC13DG14_BB A 11 ? B 14 ? A 12 ? B 13 ? 
# 
_pdbx_entity_nonpoly.entity_id   2 
_pdbx_entity_nonpoly.name        water 
_pdbx_entity_nonpoly.comp_id     HOH 
# 
_pdbx_initial_refinement_model.id               1 
_pdbx_initial_refinement_model.entity_id_list   ? 
_pdbx_initial_refinement_model.type             'experimental model' 
_pdbx_initial_refinement_model.source_name      PDB 
_pdbx_initial_refinement_model.accession_code   355D 
_pdbx_initial_refinement_model.details          'PDB ENTRY 355D' 
# 
